data_7LO4
#
_entry.id   7LO4
#
_cell.length_a   65.606
_cell.length_b   112.176
_cell.length_c   145.989
_cell.angle_alpha   90.000
_cell.angle_beta   90.000
_cell.angle_gamma   90.000
#
_symmetry.space_group_name_H-M   'P 21 21 21'
#
loop_
_entity.id
_entity.type
_entity.pdbx_description
1 polymer 'Processed angiotensin-converting enzyme 2'
2 polymer 'Spike protein S1'
3 branched 2-acetamido-2-deoxy-beta-D-glucopyranose-(1-4)-[alpha-L-fucopyranose-(1-6)]2-acetamido-2-deoxy-beta-D-glucopyranose
4 non-polymer 2-acetamido-2-deoxy-beta-D-glucopyranose
5 non-polymer 1,2-ETHANEDIOL
6 non-polymer 'ZINC ION'
7 water water
#
loop_
_entity_poly.entity_id
_entity_poly.type
_entity_poly.pdbx_seq_one_letter_code
_entity_poly.pdbx_strand_id
1 'polypeptide(L)'
;STIEEQAKTFLDKFNHEAEDLFYQSSLASWNYNTNITEENVQNMNNAGDKWSAFLKEQSTLAQMYPLQEIQNLTVKLQLQ
ALQQNGSSVLSEDKSKRLNTILNTMSTIYSTGKVCNPDNPQECLLLEPGLNEIMANSLDYNERLWAWESWRSEVGKQLRP
LYEEYVVLKNEMARANHYEDYGDYWRGDYEVNGVDGYDYSRGQLIEDVEHTFEEIKPLYEHLHAYVRAKLMNAYPSYISP
IGCLPAHLLGDMWGRFWTNLYSLTVPFGQKPNIDVTDAMVDQAWDAQRIFKEAEKFFVSVGLPNMTQGFWENSMLTDPGN
VQKAVCHPTAWDLGKGDFRILMCTKVTMDDFLTAHHEMGHIQYDMAYAAQPFLLRNGANEGFHEAVGEIMSLSAATPKHL
KSIGLLSPDFQEDNETEINFLLKQALTIVGTLPFTYMLEKWRWMVFKGEIPKDQWMKKWWEMKREIVGVVEPVPHDETYC
DPASLFHVSNDYSFIRYYTRTLYQFQFQEALCQAAKHEGPLHKCDISNSTEAGQKLFNMLRLGKSEPWTLALENVVGAKN
MNVRPLLNYFEPLFTWLKDQNKNSFVGWSTDWSPYA
;
A
2 'polypeptide(L)'
;TNLCPFGEVFNATRFASVYAWNRKRISNCVADYSVLYNSASFSTFKCYGVSPTKLNDLCFTNVYADSFVIRGDEVRQIAP
GQTGKIADYNYKLPDDFTGCVIAWNSNNLDSKVGGNYNYLYRLFRKSNLKPFERDISTEIYQAGSTPCNGVERFNCYFPL
QSYGFQPTNGVGYQPYRVVVLSFELLHAPATVCGPKKSEN
;
B
#
loop_
_chem_comp.id
_chem_comp.type
_chem_comp.name
_chem_comp.formula
EDO non-polymer 1,2-ETHANEDIOL 'C2 H6 O2'
FUC L-saccharide, alpha linking alpha-L-fucopyranose 'C6 H12 O5'
NAG D-saccharide, beta linking 2-acetamido-2-deoxy-beta-D-glucopyranose 'C8 H15 N O6'
ZN non-polymer 'ZINC ION' 'Zn 2'
#
# COMPACT_ATOMS: atom_id res chain seq x y z
N SER A 1 -8.55 -10.60 35.41
CA SER A 1 -8.16 -9.84 34.21
C SER A 1 -9.33 -9.68 33.24
N THR A 2 -9.44 -8.53 32.58
CA THR A 2 -10.59 -8.27 31.72
C THR A 2 -10.41 -8.90 30.34
N ILE A 3 -11.53 -9.01 29.62
CA ILE A 3 -11.50 -9.56 28.28
C ILE A 3 -10.65 -8.68 27.38
N GLU A 4 -10.61 -7.38 27.65
CA GLU A 4 -9.75 -6.53 26.85
C GLU A 4 -8.27 -6.86 27.04
N GLU A 5 -7.82 -6.98 28.29
CA GLU A 5 -6.39 -7.23 28.47
C GLU A 5 -6.04 -8.68 28.07
N GLN A 6 -7.00 -9.60 28.11
CA GLN A 6 -6.80 -10.90 27.47
C GLN A 6 -6.66 -10.74 25.95
N ALA A 7 -7.48 -9.90 25.33
CA ALA A 7 -7.37 -9.66 23.91
C ALA A 7 -6.04 -9.03 23.53
N LYS A 8 -5.50 -8.16 24.38
CA LYS A 8 -4.23 -7.57 24.01
C LYS A 8 -3.11 -8.60 24.08
N THR A 9 -3.20 -9.52 25.04
CA THR A 9 -2.19 -10.58 25.13
C THR A 9 -2.24 -11.49 23.91
N PHE A 10 -3.46 -11.89 23.52
CA PHE A 10 -3.65 -12.62 22.28
C PHE A 10 -3.11 -11.86 21.07
N LEU A 11 -3.30 -10.54 21.01
CA LEU A 11 -2.77 -9.81 19.87
C LEU A 11 -1.25 -9.74 19.90
N ASP A 12 -0.64 -9.70 21.09
CA ASP A 12 0.82 -9.71 21.16
C ASP A 12 1.38 -10.96 20.54
N LYS A 13 0.78 -12.10 20.89
CA LYS A 13 1.20 -13.37 20.34
C LYS A 13 0.86 -13.45 18.85
N PHE A 14 -0.26 -12.87 18.44
CA PHE A 14 -0.61 -12.92 17.02
C PHE A 14 0.42 -12.14 16.20
N ASN A 15 0.73 -10.92 16.63
CA ASN A 15 1.64 -10.05 15.89
C ASN A 15 3.00 -10.70 15.70
N HIS A 16 3.59 -11.27 16.77
CA HIS A 16 4.92 -11.84 16.62
C HIS A 16 4.92 -12.99 15.63
N GLU A 17 3.94 -13.88 15.74
CA GLU A 17 3.91 -15.03 14.84
C GLU A 17 3.46 -14.63 13.44
N ALA A 18 2.58 -13.64 13.33
CA ALA A 18 2.07 -13.24 12.02
C ALA A 18 3.18 -12.61 11.19
N GLU A 19 3.92 -11.67 11.78
CA GLU A 19 4.93 -10.94 11.03
C GLU A 19 5.95 -11.88 10.41
N ASP A 20 6.39 -12.91 11.14
CA ASP A 20 7.37 -13.81 10.54
C ASP A 20 6.75 -14.67 9.45
N LEU A 21 5.52 -15.14 9.65
CA LEU A 21 4.93 -16.03 8.65
C LEU A 21 4.57 -15.25 7.39
N PHE A 22 4.00 -14.06 7.53
CA PHE A 22 3.74 -13.22 6.36
C PHE A 22 5.03 -12.94 5.60
N TYR A 23 6.11 -12.65 6.33
CA TYR A 23 7.40 -12.39 5.71
C TYR A 23 7.87 -13.56 4.84
N GLN A 24 7.71 -14.80 5.31
CA GLN A 24 8.18 -15.94 4.53
C GLN A 24 7.39 -16.08 3.23
N SER A 25 6.07 -15.88 3.32
CA SER A 25 5.25 -15.86 2.11
C SER A 25 5.65 -14.69 1.20
N SER A 26 5.94 -13.52 1.79
CA SER A 26 6.39 -12.41 0.97
C SER A 26 7.70 -12.75 0.26
N LEU A 27 8.58 -13.51 0.92
CA LEU A 27 9.83 -13.86 0.27
C LEU A 27 9.59 -14.82 -0.89
N ALA A 28 8.84 -15.90 -0.64
CA ALA A 28 8.57 -16.86 -1.69
C ALA A 28 7.90 -16.18 -2.88
N SER A 29 6.92 -15.32 -2.61
CA SER A 29 6.24 -14.61 -3.69
C SER A 29 7.21 -13.69 -4.42
N TRP A 30 8.10 -13.03 -3.67
CA TRP A 30 9.14 -12.23 -4.31
C TRP A 30 10.00 -13.08 -5.23
N ASN A 31 10.40 -14.28 -4.76
CA ASN A 31 11.29 -15.12 -5.55
C ASN A 31 10.63 -15.56 -6.86
N TYR A 32 9.33 -15.87 -6.81
CA TYR A 32 8.62 -16.20 -8.04
C TYR A 32 8.53 -14.97 -8.95
N ASN A 33 8.09 -13.84 -8.40
CA ASN A 33 7.86 -12.69 -9.26
C ASN A 33 9.15 -12.17 -9.88
N THR A 34 10.31 -12.45 -9.28
CA THR A 34 11.57 -12.04 -9.89
C THR A 34 12.31 -13.16 -10.59
N ASN A 35 11.82 -14.40 -10.49
CA ASN A 35 12.54 -15.54 -11.08
C ASN A 35 11.50 -16.64 -11.33
N ILE A 36 10.84 -16.56 -12.49
CA ILE A 36 9.73 -17.46 -12.76
C ILE A 36 10.27 -18.86 -13.05
N THR A 37 9.94 -19.80 -12.17
CA THR A 37 10.26 -21.21 -12.34
C THR A 37 9.16 -22.03 -11.70
N GLU A 38 9.00 -23.25 -12.17
CA GLU A 38 8.04 -24.16 -11.56
C GLU A 38 8.34 -24.35 -10.07
N GLU A 39 9.61 -24.52 -9.73
CA GLU A 39 9.99 -24.65 -8.32
C GLU A 39 9.53 -23.46 -7.49
N ASN A 40 9.69 -22.24 -8.01
CA ASN A 40 9.31 -21.07 -7.20
C ASN A 40 7.81 -20.89 -7.13
N VAL A 41 7.07 -21.32 -8.16
CA VAL A 41 5.61 -21.43 -8.05
C VAL A 41 5.25 -22.26 -6.82
N GLN A 42 5.93 -23.41 -6.68
CA GLN A 42 5.60 -24.32 -5.60
C GLN A 42 5.86 -23.69 -4.25
N ASN A 43 7.03 -23.06 -4.09
CA ASN A 43 7.33 -22.38 -2.85
C ASN A 43 6.27 -21.33 -2.54
N MET A 44 5.95 -20.48 -3.53
CA MET A 44 4.99 -19.42 -3.31
C MET A 44 3.64 -19.97 -2.85
N ASN A 45 3.16 -21.04 -3.47
CA ASN A 45 1.86 -21.56 -3.07
C ASN A 45 1.92 -22.25 -1.71
N ASN A 46 3.02 -22.98 -1.45
CA ASN A 46 3.20 -23.56 -0.13
C ASN A 46 3.15 -22.48 0.95
N ALA A 47 3.89 -21.39 0.74
CA ALA A 47 3.94 -20.35 1.77
C ALA A 47 2.62 -19.61 1.87
N GLY A 48 1.97 -19.38 0.73
CA GLY A 48 0.65 -18.78 0.76
C GLY A 48 -0.38 -19.67 1.41
N ASP A 49 -0.25 -20.98 1.23
CA ASP A 49 -1.18 -21.89 1.90
C ASP A 49 -0.98 -21.86 3.41
N LYS A 50 0.27 -21.85 3.87
CA LYS A 50 0.52 -21.79 5.30
C LYS A 50 -0.01 -20.49 5.89
N TRP A 51 0.21 -19.37 5.19
CA TRP A 51 -0.27 -18.09 5.67
C TRP A 51 -1.79 -18.09 5.79
N SER A 52 -2.49 -18.48 4.72
CA SER A 52 -3.95 -18.59 4.77
C SER A 52 -4.44 -19.47 5.92
N ALA A 53 -3.80 -20.62 6.13
CA ALA A 53 -4.25 -21.50 7.19
C ALA A 53 -4.02 -20.88 8.56
N PHE A 54 -2.90 -20.18 8.73
CA PHE A 54 -2.65 -19.50 9.99
C PHE A 54 -3.71 -18.44 10.27
N LEU A 55 -4.10 -17.68 9.24
CA LEU A 55 -5.11 -16.64 9.44
C LEU A 55 -6.45 -17.26 9.80
N LYS A 56 -6.76 -18.42 9.22
CA LYS A 56 -8.01 -19.11 9.53
C LYS A 56 -8.06 -19.50 11.01
N GLU A 57 -6.98 -20.11 11.52
CA GLU A 57 -6.93 -20.49 12.93
C GLU A 57 -7.00 -19.26 13.84
N GLN A 58 -6.24 -18.21 13.52
CA GLN A 58 -6.22 -17.03 14.38
C GLN A 58 -7.58 -16.36 14.42
N SER A 59 -8.28 -16.34 13.27
CA SER A 59 -9.62 -15.81 13.22
C SER A 59 -10.53 -16.57 14.18
N THR A 60 -10.43 -17.90 14.15
CA THR A 60 -11.15 -18.74 15.10
C THR A 60 -10.83 -18.34 16.54
N LEU A 61 -9.54 -18.18 16.87
CA LEU A 61 -9.18 -17.84 18.25
C LEU A 61 -9.67 -16.46 18.63
N ALA A 62 -9.55 -15.47 17.73
CA ALA A 62 -9.96 -14.12 18.05
C ALA A 62 -11.46 -14.03 18.30
N GLN A 63 -12.23 -14.97 17.76
CA GLN A 63 -13.68 -15.01 17.95
C GLN A 63 -14.06 -15.05 19.43
N MET A 64 -13.15 -15.46 20.30
CA MET A 64 -13.42 -15.60 21.73
C MET A 64 -13.31 -14.28 22.50
N TYR A 65 -12.98 -13.17 21.85
CA TYR A 65 -12.95 -11.88 22.55
C TYR A 65 -14.04 -10.99 21.99
N PRO A 66 -15.19 -10.88 22.67
CA PRO A 66 -16.33 -10.16 22.08
C PRO A 66 -16.11 -8.65 22.07
N LEU A 67 -16.47 -8.04 20.94
CA LEU A 67 -16.17 -6.62 20.71
C LEU A 67 -16.84 -5.72 21.73
N GLN A 68 -18.08 -6.04 22.10
CA GLN A 68 -18.76 -5.38 23.22
C GLN A 68 -17.79 -5.00 24.33
N GLU A 69 -16.96 -5.96 24.75
CA GLU A 69 -16.14 -5.83 25.95
C GLU A 69 -14.82 -5.09 25.71
N ILE A 70 -14.59 -4.53 24.52
CA ILE A 70 -13.34 -3.86 24.21
C ILE A 70 -13.61 -2.36 24.08
N GLN A 71 -12.92 -1.57 24.89
CA GLN A 71 -12.97 -0.12 24.86
C GLN A 71 -11.93 0.43 23.90
N ASN A 72 -10.67 0.02 24.08
CA ASN A 72 -9.54 0.43 23.27
C ASN A 72 -9.81 0.18 21.79
N LEU A 73 -9.88 1.26 21.03
CA LEU A 73 -10.28 1.14 19.63
C LEU A 73 -9.15 0.60 18.76
N THR A 74 -7.89 0.83 19.13
CA THR A 74 -6.78 0.19 18.44
C THR A 74 -6.85 -1.33 18.58
N VAL A 75 -7.39 -1.82 19.69
CA VAL A 75 -7.54 -3.24 19.87
C VAL A 75 -8.76 -3.73 19.12
N LYS A 76 -9.87 -2.99 19.23
CA LYS A 76 -11.09 -3.36 18.52
C LYS A 76 -10.85 -3.49 17.02
N LEU A 77 -10.05 -2.59 16.45
CA LEU A 77 -9.82 -2.62 15.00
C LEU A 77 -9.10 -3.90 14.59
N GLN A 78 -8.00 -4.23 15.28
CA GLN A 78 -7.29 -5.47 14.99
C GLN A 78 -8.20 -6.70 15.12
N LEU A 79 -8.92 -6.82 16.25
CA LEU A 79 -9.85 -7.92 16.41
C LEU A 79 -10.90 -7.95 15.31
N GLN A 80 -11.46 -6.77 14.96
CA GLN A 80 -12.42 -6.69 13.86
C GLN A 80 -11.86 -7.31 12.59
N ALA A 81 -10.62 -6.95 12.24
CA ALA A 81 -10.01 -7.47 11.02
C ALA A 81 -9.78 -8.96 11.11
N LEU A 82 -9.59 -9.49 12.33
CA LEU A 82 -9.33 -10.92 12.46
C LEU A 82 -10.59 -11.76 12.48
N GLN A 83 -11.71 -11.25 13.01
CA GLN A 83 -12.87 -12.13 13.11
C GLN A 83 -13.86 -11.98 11.97
N GLN A 84 -13.47 -11.30 10.89
CA GLN A 84 -14.27 -11.31 9.68
C GLN A 84 -14.34 -12.73 9.10
N ASN A 85 -15.53 -13.10 8.63
CA ASN A 85 -15.79 -14.47 8.22
C ASN A 85 -15.79 -14.67 6.72
N GLY A 86 -16.22 -13.67 5.95
CA GLY A 86 -16.22 -13.80 4.49
C GLY A 86 -17.02 -15.00 4.01
N SER A 87 -16.39 -15.80 3.14
CA SER A 87 -17.09 -16.92 2.53
C SER A 87 -17.25 -18.12 3.45
N SER A 88 -16.55 -18.12 4.59
CA SER A 88 -16.71 -19.22 5.55
C SER A 88 -18.12 -19.29 6.13
N VAL A 89 -18.91 -18.20 6.05
CA VAL A 89 -20.29 -18.27 6.53
C VAL A 89 -21.09 -19.24 5.68
N LEU A 90 -20.72 -19.40 4.42
CA LEU A 90 -21.47 -20.28 3.54
C LEU A 90 -21.24 -21.74 3.92
N SER A 91 -22.23 -22.57 3.61
CA SER A 91 -22.02 -24.01 3.60
C SER A 91 -20.86 -24.36 2.66
N GLU A 92 -20.32 -25.56 2.81
CA GLU A 92 -19.21 -25.90 1.95
C GLU A 92 -19.66 -26.34 0.57
N ASP A 93 -20.93 -26.72 0.40
CA ASP A 93 -21.42 -26.94 -0.94
C ASP A 93 -21.61 -25.61 -1.65
N LYS A 94 -22.18 -24.63 -0.97
CA LYS A 94 -22.36 -23.31 -1.57
C LYS A 94 -21.02 -22.64 -1.79
N SER A 95 -20.14 -22.71 -0.80
CA SER A 95 -18.83 -22.11 -0.95
C SER A 95 -18.05 -22.73 -2.10
N LYS A 96 -18.08 -24.05 -2.25
CA LYS A 96 -17.44 -24.68 -3.41
C LYS A 96 -18.09 -24.24 -4.72
N ARG A 97 -19.41 -24.02 -4.70
CA ARG A 97 -20.14 -23.62 -5.89
C ARG A 97 -19.73 -22.22 -6.35
N LEU A 98 -19.71 -21.25 -5.42
CA LEU A 98 -19.41 -19.88 -5.79
C LEU A 98 -17.99 -19.74 -6.29
N ASN A 99 -17.06 -20.50 -5.71
CA ASN A 99 -15.69 -20.51 -6.23
C ASN A 99 -15.65 -21.02 -7.66
N THR A 100 -16.47 -22.02 -7.99
CA THR A 100 -16.51 -22.50 -9.37
C THR A 100 -17.06 -21.43 -10.30
N ILE A 101 -18.14 -20.76 -9.88
CA ILE A 101 -18.67 -19.68 -10.69
C ILE A 101 -17.61 -18.61 -10.91
N LEU A 102 -16.94 -18.21 -9.84
CA LEU A 102 -15.89 -17.19 -9.94
C LEU A 102 -14.82 -17.61 -10.92
N ASN A 103 -14.31 -18.84 -10.78
CA ASN A 103 -13.18 -19.24 -11.62
C ASN A 103 -13.60 -19.43 -13.07
N THR A 104 -14.82 -19.89 -13.30
CA THR A 104 -15.32 -20.00 -14.68
C THR A 104 -15.43 -18.62 -15.34
N MET A 105 -16.04 -17.66 -14.62
CA MET A 105 -16.19 -16.31 -15.15
C MET A 105 -14.82 -15.71 -15.48
N SER A 106 -13.87 -15.84 -14.57
CA SER A 106 -12.53 -15.35 -14.82
C SER A 106 -11.89 -16.01 -16.03
N THR A 107 -12.04 -17.33 -16.18
CA THR A 107 -11.41 -17.96 -17.35
C THR A 107 -12.17 -17.67 -18.64
N ILE A 108 -13.50 -17.59 -18.58
CA ILE A 108 -14.26 -17.19 -19.76
C ILE A 108 -13.79 -15.84 -20.27
N TYR A 109 -13.48 -14.92 -19.35
CA TYR A 109 -13.03 -13.59 -19.74
C TYR A 109 -11.63 -13.61 -20.33
N SER A 110 -10.66 -14.17 -19.59
CA SER A 110 -9.27 -14.11 -20.06
C SER A 110 -9.00 -15.00 -21.27
N THR A 111 -9.89 -15.95 -21.59
CA THR A 111 -9.73 -16.78 -22.78
C THR A 111 -10.74 -16.44 -23.87
N GLY A 112 -11.67 -15.52 -23.62
CA GLY A 112 -12.64 -15.11 -24.63
C GLY A 112 -12.01 -14.68 -25.94
N LYS A 113 -12.54 -15.18 -27.06
CA LYS A 113 -11.95 -14.83 -28.33
C LYS A 113 -13.03 -14.82 -29.39
N VAL A 114 -12.86 -13.92 -30.37
CA VAL A 114 -13.84 -13.71 -31.41
C VAL A 114 -13.14 -13.88 -32.76
N CYS A 115 -13.89 -14.37 -33.74
CA CYS A 115 -13.32 -14.70 -35.04
C CYS A 115 -14.00 -13.94 -36.14
N ASN A 116 -13.22 -13.60 -37.16
CA ASN A 116 -13.72 -12.96 -38.37
C ASN A 116 -14.95 -13.70 -38.89
N PRO A 117 -16.09 -13.02 -39.07
CA PRO A 117 -17.28 -13.73 -39.56
C PRO A 117 -17.01 -14.44 -40.87
N ASP A 118 -16.23 -13.81 -41.76
CA ASP A 118 -15.87 -14.43 -43.02
C ASP A 118 -14.89 -15.59 -42.80
N ASN A 119 -13.79 -15.33 -42.09
CA ASN A 119 -12.79 -16.36 -41.85
C ASN A 119 -12.84 -16.86 -40.41
N PRO A 120 -13.27 -18.10 -40.17
CA PRO A 120 -13.28 -18.63 -38.79
C PRO A 120 -11.88 -18.97 -38.27
N GLN A 121 -10.85 -18.56 -38.99
CA GLN A 121 -9.46 -18.77 -38.57
C GLN A 121 -8.79 -17.52 -38.05
N GLU A 122 -9.07 -16.36 -38.62
CA GLU A 122 -8.58 -15.09 -38.07
C GLU A 122 -9.39 -14.78 -36.82
N CYS A 123 -8.83 -15.08 -35.65
CA CYS A 123 -9.49 -14.78 -34.39
C CYS A 123 -8.64 -13.84 -33.56
N LEU A 124 -9.29 -13.16 -32.62
CA LEU A 124 -8.66 -12.19 -31.74
C LEU A 124 -9.04 -12.47 -30.30
N LEU A 125 -8.09 -12.25 -29.39
CA LEU A 125 -8.41 -12.14 -27.97
C LEU A 125 -8.61 -10.66 -27.62
N LEU A 126 -9.22 -10.43 -26.45
CA LEU A 126 -9.31 -9.05 -25.97
C LEU A 126 -7.95 -8.39 -26.01
N GLU A 127 -6.97 -9.02 -25.39
CA GLU A 127 -5.61 -8.52 -25.34
C GLU A 127 -4.71 -9.45 -26.14
N PRO A 128 -3.90 -8.95 -27.08
CA PRO A 128 -3.85 -7.55 -27.53
C PRO A 128 -4.89 -7.19 -28.60
N GLY A 129 -5.54 -8.21 -29.17
CA GLY A 129 -6.32 -8.09 -30.40
C GLY A 129 -7.40 -7.03 -30.43
N LEU A 130 -8.51 -7.29 -29.72
CA LEU A 130 -9.62 -6.34 -29.69
C LEU A 130 -9.19 -4.97 -29.14
N ASN A 131 -8.45 -4.95 -28.02
CA ASN A 131 -8.01 -3.68 -27.44
C ASN A 131 -7.31 -2.82 -28.47
N GLU A 132 -6.50 -3.43 -29.34
CA GLU A 132 -5.76 -2.69 -30.33
C GLU A 132 -6.71 -2.04 -31.33
N ILE A 133 -7.75 -2.76 -31.76
CA ILE A 133 -8.79 -2.16 -32.57
C ILE A 133 -9.42 -0.99 -31.83
N MET A 134 -9.92 -1.26 -30.62
CA MET A 134 -10.67 -0.24 -29.90
C MET A 134 -9.79 0.95 -29.56
N ALA A 135 -8.48 0.80 -29.55
CA ALA A 135 -7.61 1.94 -29.23
C ALA A 135 -7.20 2.77 -30.45
N ASN A 136 -7.11 2.16 -31.65
CA ASN A 136 -6.51 2.83 -32.79
C ASN A 136 -7.39 2.95 -34.03
N SER A 137 -8.40 2.09 -34.18
CA SER A 137 -9.16 2.05 -35.42
C SER A 137 -10.04 3.29 -35.59
N LEU A 138 -10.09 3.81 -36.82
CA LEU A 138 -10.96 4.92 -37.16
C LEU A 138 -12.15 4.46 -37.99
N ASP A 139 -12.41 3.15 -38.06
CA ASP A 139 -13.44 2.61 -38.94
C ASP A 139 -14.67 2.21 -38.12
N TYR A 140 -15.78 2.90 -38.35
CA TYR A 140 -16.99 2.71 -37.54
C TYR A 140 -17.41 1.24 -37.50
N ASN A 141 -17.39 0.56 -38.64
CA ASN A 141 -17.90 -0.80 -38.73
C ASN A 141 -16.96 -1.80 -38.05
N GLU A 142 -15.65 -1.56 -38.13
CA GLU A 142 -14.72 -2.48 -37.49
C GLU A 142 -14.73 -2.29 -35.98
N ARG A 143 -14.71 -1.05 -35.52
CA ARG A 143 -14.90 -0.78 -34.10
C ARG A 143 -16.20 -1.39 -33.60
N LEU A 144 -17.27 -1.29 -34.39
CA LEU A 144 -18.55 -1.88 -33.99
C LEU A 144 -18.47 -3.39 -33.91
N TRP A 145 -17.85 -4.03 -34.88
CA TRP A 145 -17.79 -5.49 -34.84
C TRP A 145 -17.02 -5.97 -33.60
N ALA A 146 -15.92 -5.30 -33.26
CA ALA A 146 -15.17 -5.70 -32.07
C ALA A 146 -15.97 -5.43 -30.80
N TRP A 147 -16.65 -4.28 -30.73
CA TRP A 147 -17.47 -3.97 -29.56
C TRP A 147 -18.61 -4.97 -29.39
N GLU A 148 -19.24 -5.38 -30.49
CA GLU A 148 -20.42 -6.24 -30.40
C GLU A 148 -20.05 -7.70 -30.22
N SER A 149 -18.99 -8.15 -30.90
CA SER A 149 -18.59 -9.56 -30.83
C SER A 149 -18.14 -9.93 -29.43
N TRP A 150 -17.36 -9.06 -28.78
CA TRP A 150 -16.94 -9.29 -27.40
C TRP A 150 -18.14 -9.49 -26.50
N ARG A 151 -19.11 -8.56 -26.55
CA ARG A 151 -20.23 -8.62 -25.63
C ARG A 151 -21.16 -9.78 -25.95
N SER A 152 -21.34 -10.12 -27.24
CA SER A 152 -22.27 -11.21 -27.52
C SER A 152 -21.62 -12.57 -27.31
N GLU A 153 -20.31 -12.69 -27.51
CA GLU A 153 -19.65 -13.99 -27.39
C GLU A 153 -19.15 -14.26 -25.97
N VAL A 154 -18.55 -13.28 -25.31
CA VAL A 154 -18.16 -13.46 -23.92
C VAL A 154 -19.28 -13.08 -22.96
N GLY A 155 -20.02 -12.01 -23.27
CA GLY A 155 -21.03 -11.53 -22.34
C GLY A 155 -22.18 -12.51 -22.16
N LYS A 156 -22.64 -13.10 -23.27
CA LYS A 156 -23.74 -14.05 -23.19
C LYS A 156 -23.36 -15.29 -22.40
N GLN A 157 -22.09 -15.68 -22.44
CA GLN A 157 -21.64 -16.77 -21.58
C GLN A 157 -21.73 -16.38 -20.12
N LEU A 158 -21.37 -15.13 -19.80
CA LEU A 158 -21.29 -14.71 -18.41
C LEU A 158 -22.66 -14.54 -17.78
N ARG A 159 -23.69 -14.26 -18.59
CA ARG A 159 -24.99 -13.86 -18.07
C ARG A 159 -25.56 -14.87 -17.07
N PRO A 160 -25.73 -16.16 -17.42
CA PRO A 160 -26.25 -17.10 -16.40
C PRO A 160 -25.36 -17.21 -15.17
N LEU A 161 -24.04 -17.13 -15.33
CA LEU A 161 -23.19 -17.28 -14.16
C LEU A 161 -23.29 -16.06 -13.24
N TYR A 162 -23.45 -14.88 -13.81
CA TYR A 162 -23.49 -13.66 -13.00
C TYR A 162 -24.75 -13.62 -12.14
N GLU A 163 -25.88 -14.06 -12.70
CA GLU A 163 -27.12 -14.15 -11.92
C GLU A 163 -26.95 -15.07 -10.72
N GLU A 164 -26.26 -16.19 -10.91
CA GLU A 164 -26.04 -17.10 -9.79
C GLU A 164 -25.07 -16.49 -8.79
N TYR A 165 -23.98 -15.90 -9.31
CA TYR A 165 -23.03 -15.17 -8.49
C TYR A 165 -23.72 -14.16 -7.59
N VAL A 166 -24.71 -13.43 -8.12
CA VAL A 166 -25.39 -12.42 -7.29
C VAL A 166 -26.07 -13.09 -6.11
N VAL A 167 -26.76 -14.22 -6.35
CA VAL A 167 -27.50 -14.87 -5.26
C VAL A 167 -26.55 -15.29 -4.15
N LEU A 168 -25.51 -16.06 -4.50
CA LEU A 168 -24.58 -16.58 -3.50
C LEU A 168 -23.85 -15.45 -2.77
N LYS A 169 -23.31 -14.49 -3.53
CA LYS A 169 -22.62 -13.36 -2.91
C LYS A 169 -23.54 -12.65 -1.92
N ASN A 170 -24.79 -12.42 -2.33
CA ASN A 170 -25.75 -11.79 -1.43
C ASN A 170 -25.98 -12.63 -0.17
N GLU A 171 -26.04 -13.96 -0.34
CA GLU A 171 -26.20 -14.83 0.82
C GLU A 171 -25.02 -14.68 1.77
N MET A 172 -23.81 -14.73 1.24
CA MET A 172 -22.61 -14.50 2.04
C MET A 172 -22.72 -13.20 2.81
N ALA A 173 -23.04 -12.12 2.11
CA ALA A 173 -23.12 -10.82 2.74
C ALA A 173 -24.16 -10.80 3.87
N ARG A 174 -25.32 -11.43 3.65
CA ARG A 174 -26.33 -11.42 4.70
C ARG A 174 -25.84 -12.20 5.92
N ALA A 175 -25.29 -13.39 5.68
CA ALA A 175 -24.75 -14.19 6.79
C ALA A 175 -23.59 -13.50 7.48
N ASN A 176 -23.01 -12.46 6.88
CA ASN A 176 -22.02 -11.62 7.54
C ASN A 176 -22.64 -10.36 8.11
N HIS A 177 -23.97 -10.26 8.10
CA HIS A 177 -24.74 -9.18 8.71
C HIS A 177 -24.74 -7.90 7.88
N TYR A 178 -24.65 -8.04 6.56
CA TYR A 178 -24.82 -6.93 5.63
C TYR A 178 -26.14 -7.14 4.90
N GLU A 179 -26.68 -6.04 4.36
CA GLU A 179 -27.93 -6.12 3.63
C GLU A 179 -27.79 -6.91 2.35
N ASP A 180 -26.65 -6.79 1.67
CA ASP A 180 -26.39 -7.43 0.37
C ASP A 180 -24.93 -7.19 0.01
N TYR A 181 -24.50 -7.77 -1.12
CA TYR A 181 -23.08 -7.74 -1.47
C TYR A 181 -22.58 -6.31 -1.67
N GLY A 182 -23.43 -5.41 -2.16
CA GLY A 182 -23.03 -4.02 -2.28
C GLY A 182 -22.77 -3.37 -0.94
N ASP A 183 -23.74 -3.45 -0.03
CA ASP A 183 -23.52 -3.01 1.35
C ASP A 183 -22.22 -3.59 1.91
N TYR A 184 -21.92 -4.83 1.54
CA TYR A 184 -20.70 -5.48 2.00
C TYR A 184 -19.47 -4.72 1.51
N TRP A 185 -19.46 -4.35 0.22
CA TRP A 185 -18.32 -3.60 -0.33
C TRP A 185 -18.19 -2.22 0.30
N ARG A 186 -19.31 -1.54 0.56
CA ARG A 186 -19.28 -0.20 1.17
C ARG A 186 -18.75 -0.23 2.61
N GLY A 187 -18.75 -1.41 3.24
CA GLY A 187 -18.12 -1.54 4.54
C GLY A 187 -16.70 -1.02 4.63
N ASP A 188 -15.93 -1.06 3.52
CA ASP A 188 -14.57 -0.54 3.58
C ASP A 188 -14.52 0.90 4.05
N TYR A 189 -15.61 1.66 3.89
CA TYR A 189 -15.64 3.04 4.31
C TYR A 189 -16.26 3.26 5.68
N GLU A 190 -16.79 2.20 6.32
CA GLU A 190 -17.53 2.37 7.56
C GLU A 190 -16.62 2.75 8.73
N VAL A 191 -17.09 3.68 9.57
CA VAL A 191 -16.44 4.03 10.83
C VAL A 191 -17.51 4.08 11.92
N ASN A 192 -17.31 3.32 12.99
CA ASN A 192 -18.24 3.30 14.11
C ASN A 192 -17.49 3.57 15.39
N GLY A 193 -18.12 4.31 16.30
CA GLY A 193 -17.61 4.46 17.65
C GLY A 193 -16.45 5.40 17.79
N VAL A 194 -16.22 6.29 16.83
CA VAL A 194 -15.26 7.38 17.00
C VAL A 194 -16.04 8.68 16.85
N ASP A 195 -16.27 9.36 17.99
CA ASP A 195 -17.22 10.47 18.02
C ASP A 195 -16.79 11.60 17.09
N GLY A 196 -17.69 11.99 16.19
CA GLY A 196 -17.44 13.03 15.20
C GLY A 196 -16.66 12.60 13.98
N TYR A 197 -16.36 11.30 13.83
CA TYR A 197 -15.69 10.81 12.63
C TYR A 197 -16.38 9.57 12.07
N ASP A 198 -17.52 9.19 12.64
CA ASP A 198 -18.26 8.03 12.15
C ASP A 198 -18.72 8.26 10.71
N TYR A 199 -19.06 7.18 10.05
CA TYR A 199 -19.39 7.22 8.63
C TYR A 199 -20.12 5.92 8.29
N SER A 200 -21.34 6.04 7.80
CA SER A 200 -22.16 4.86 7.55
C SER A 200 -22.02 4.39 6.10
N ARG A 201 -22.32 3.11 5.89
CA ARG A 201 -22.20 2.54 4.55
C ARG A 201 -23.12 3.24 3.57
N GLY A 202 -24.31 3.61 4.01
CA GLY A 202 -25.24 4.29 3.11
C GLY A 202 -24.79 5.68 2.75
N GLN A 203 -24.06 6.36 3.65
CA GLN A 203 -23.57 7.70 3.37
C GLN A 203 -22.69 7.74 2.12
N LEU A 204 -21.99 6.64 1.82
CA LEU A 204 -21.13 6.61 0.63
C LEU A 204 -21.96 6.82 -0.65
N ILE A 205 -23.13 6.18 -0.73
CA ILE A 205 -23.98 6.39 -1.90
C ILE A 205 -24.34 7.86 -2.05
N GLU A 206 -24.65 8.52 -0.94
CA GLU A 206 -25.06 9.91 -1.06
C GLU A 206 -23.89 10.84 -1.32
N ASP A 207 -22.76 10.64 -0.63
CA ASP A 207 -21.59 11.47 -0.88
C ASP A 207 -21.05 11.28 -2.29
N VAL A 208 -21.09 10.06 -2.81
CA VAL A 208 -20.75 9.86 -4.22
C VAL A 208 -21.73 10.60 -5.10
N GLU A 209 -23.03 10.48 -4.80
CA GLU A 209 -24.03 11.12 -5.65
C GLU A 209 -23.99 12.64 -5.56
N HIS A 210 -23.72 13.20 -4.38
CA HIS A 210 -23.68 14.65 -4.25
C HIS A 210 -22.44 15.22 -4.94
N THR A 211 -21.29 14.56 -4.78
CA THR A 211 -20.07 15.01 -5.45
C THR A 211 -20.17 14.83 -6.96
N PHE A 212 -20.93 13.83 -7.42
CA PHE A 212 -21.05 13.69 -8.86
C PHE A 212 -21.84 14.84 -9.45
N GLU A 213 -22.87 15.30 -8.73
CA GLU A 213 -23.67 16.42 -9.18
C GLU A 213 -22.81 17.64 -9.47
N GLU A 214 -21.80 17.88 -8.65
CA GLU A 214 -20.90 18.99 -8.89
C GLU A 214 -19.90 18.74 -10.01
N ILE A 215 -19.67 17.47 -10.40
CA ILE A 215 -18.79 17.26 -11.54
C ILE A 215 -19.54 17.42 -12.87
N LYS A 216 -20.87 17.39 -12.85
CA LYS A 216 -21.64 17.37 -14.10
C LYS A 216 -21.35 18.53 -15.05
N PRO A 217 -21.26 19.79 -14.61
CA PRO A 217 -20.93 20.87 -15.57
C PRO A 217 -19.64 20.61 -16.34
N LEU A 218 -18.54 20.35 -15.62
CA LEU A 218 -17.29 20.04 -16.28
C LEU A 218 -17.43 18.83 -17.20
N TYR A 219 -18.11 17.78 -16.75
CA TYR A 219 -18.26 16.60 -17.60
C TYR A 219 -19.04 16.94 -18.87
N GLU A 220 -20.18 17.60 -18.71
CA GLU A 220 -21.03 17.94 -19.84
C GLU A 220 -20.28 18.73 -20.88
N HIS A 221 -19.46 19.69 -20.44
CA HIS A 221 -18.71 20.52 -21.39
C HIS A 221 -17.62 19.72 -22.08
N LEU A 222 -16.89 18.88 -21.33
CA LEU A 222 -15.97 17.95 -21.96
C LEU A 222 -16.69 17.10 -22.99
N HIS A 223 -17.85 16.54 -22.60
CA HIS A 223 -18.64 15.69 -23.49
C HIS A 223 -18.96 16.40 -24.80
N ALA A 224 -19.46 17.64 -24.70
CA ALA A 224 -19.90 18.37 -25.88
C ALA A 224 -18.73 18.69 -26.81
N TYR A 225 -17.58 19.01 -26.22
CA TYR A 225 -16.36 19.24 -26.98
C TYR A 225 -15.91 17.97 -27.69
N VAL A 226 -15.82 16.86 -26.95
CA VAL A 226 -15.44 15.60 -27.56
C VAL A 226 -16.44 15.21 -28.65
N ARG A 227 -17.74 15.41 -28.39
CA ARG A 227 -18.77 15.02 -29.34
C ARG A 227 -18.61 15.78 -30.66
N ALA A 228 -18.32 17.08 -30.59
CA ALA A 228 -18.14 17.85 -31.82
C ALA A 228 -16.91 17.35 -32.57
N LYS A 229 -15.82 17.07 -31.86
CA LYS A 229 -14.61 16.55 -32.50
C LYS A 229 -14.88 15.19 -33.13
N LEU A 230 -15.70 14.36 -32.46
CA LEU A 230 -15.97 13.02 -32.98
C LEU A 230 -16.85 13.06 -34.22
N MET A 231 -17.67 14.09 -34.37
CA MET A 231 -18.46 14.21 -35.60
C MET A 231 -17.55 14.42 -36.81
N ASN A 232 -16.47 15.18 -36.63
CA ASN A 232 -15.49 15.30 -37.70
C ASN A 232 -14.88 13.96 -38.05
N ALA A 233 -14.59 13.14 -37.04
CA ALA A 233 -13.92 11.88 -37.30
C ALA A 233 -14.85 10.79 -37.81
N TYR A 234 -16.16 10.90 -37.55
CA TYR A 234 -17.14 9.89 -37.94
C TYR A 234 -18.36 10.62 -38.49
N PRO A 235 -18.27 11.12 -39.72
CA PRO A 235 -19.14 12.23 -40.15
C PRO A 235 -20.64 11.99 -40.02
N SER A 236 -21.17 10.90 -40.56
CA SER A 236 -22.62 10.73 -40.56
C SER A 236 -23.14 10.02 -39.31
N TYR A 237 -22.28 9.73 -38.34
CA TYR A 237 -22.60 8.70 -37.36
C TYR A 237 -23.02 9.22 -35.99
N ILE A 238 -22.95 10.52 -35.73
CA ILE A 238 -23.10 11.06 -34.39
C ILE A 238 -24.02 12.27 -34.44
N SER A 239 -25.05 12.28 -33.59
CA SER A 239 -25.93 13.45 -33.47
C SER A 239 -25.31 14.53 -32.59
N PRO A 240 -25.44 15.80 -32.96
CA PRO A 240 -24.91 16.88 -32.11
C PRO A 240 -25.71 17.12 -30.84
N ILE A 241 -26.83 16.42 -30.65
CA ILE A 241 -27.62 16.57 -29.44
C ILE A 241 -27.78 15.26 -28.69
N GLY A 242 -27.17 14.16 -29.17
CA GLY A 242 -27.36 12.85 -28.59
C GLY A 242 -26.12 12.31 -27.88
N CYS A 243 -26.29 11.09 -27.38
CA CYS A 243 -25.23 10.41 -26.66
C CYS A 243 -24.14 9.94 -27.62
N LEU A 244 -22.94 9.75 -27.07
CA LEU A 244 -21.82 9.24 -27.85
C LEU A 244 -21.97 7.73 -28.02
N PRO A 245 -21.85 7.21 -29.25
CA PRO A 245 -21.90 5.76 -29.44
C PRO A 245 -20.83 5.03 -28.63
N ALA A 246 -21.23 3.93 -27.98
CA ALA A 246 -20.38 3.29 -26.98
C ALA A 246 -19.09 2.71 -27.55
N HIS A 247 -19.01 2.49 -28.85
CA HIS A 247 -17.87 1.84 -29.47
C HIS A 247 -16.87 2.80 -30.09
N LEU A 248 -17.00 4.11 -29.84
CA LEU A 248 -16.14 5.12 -30.41
C LEU A 248 -15.29 5.83 -29.38
N LEU A 249 -15.08 5.22 -28.20
CA LEU A 249 -14.55 5.96 -27.06
C LEU A 249 -13.09 5.62 -26.73
N GLY A 250 -12.40 4.86 -27.57
CA GLY A 250 -10.97 4.65 -27.43
C GLY A 250 -10.54 3.45 -26.60
N ASP A 251 -11.48 2.75 -25.97
CA ASP A 251 -11.19 1.42 -25.42
C ASP A 251 -12.48 0.61 -25.48
N MET A 252 -12.43 -0.64 -25.02
CA MET A 252 -13.54 -1.56 -25.22
C MET A 252 -14.82 -1.12 -24.52
N TRP A 253 -14.73 -0.18 -23.58
CA TRP A 253 -15.90 0.16 -22.77
C TRP A 253 -16.16 1.65 -22.66
N GLY A 254 -15.21 2.49 -23.07
CA GLY A 254 -15.29 3.88 -22.68
C GLY A 254 -14.89 4.10 -21.25
N ARG A 255 -14.13 3.18 -20.64
CA ARG A 255 -13.73 3.37 -19.25
C ARG A 255 -12.93 4.65 -19.11
N PHE A 256 -11.98 4.89 -20.04
CA PHE A 256 -11.26 6.14 -20.17
C PHE A 256 -11.42 6.63 -21.60
N TRP A 257 -11.27 7.94 -21.79
CA TRP A 257 -11.30 8.53 -23.12
C TRP A 257 -9.90 8.84 -23.63
N THR A 258 -8.86 8.50 -22.86
CA THR A 258 -7.44 8.63 -23.19
C THR A 258 -7.09 8.60 -24.69
N ASN A 259 -7.54 7.56 -25.38
CA ASN A 259 -7.19 7.33 -26.78
C ASN A 259 -8.02 8.14 -27.77
N LEU A 260 -8.80 9.10 -27.29
CA LEU A 260 -9.41 10.10 -28.15
C LEU A 260 -8.53 11.33 -28.31
N TYR A 261 -7.39 11.40 -27.62
CA TYR A 261 -6.54 12.57 -27.70
C TYR A 261 -6.22 12.94 -29.15
N SER A 262 -5.89 11.94 -29.97
CA SER A 262 -5.49 12.23 -31.35
C SER A 262 -6.62 12.89 -32.12
N LEU A 263 -7.86 12.54 -31.79
CA LEU A 263 -9.05 13.10 -32.42
C LEU A 263 -9.53 14.39 -31.78
N THR A 264 -9.08 14.71 -30.56
CA THR A 264 -9.65 15.85 -29.86
C THR A 264 -8.59 16.84 -29.38
N VAL A 265 -7.32 16.63 -29.74
CA VAL A 265 -6.27 17.49 -29.15
C VAL A 265 -6.56 18.93 -29.52
N PRO A 266 -6.56 19.85 -28.55
CA PRO A 266 -6.98 21.22 -28.86
C PRO A 266 -6.10 21.91 -29.88
N PHE A 267 -4.78 21.71 -29.77
CA PHE A 267 -3.80 22.50 -30.53
C PHE A 267 -2.76 21.52 -31.07
N GLY A 268 -3.12 20.79 -32.12
CA GLY A 268 -2.33 19.71 -32.69
C GLY A 268 -0.92 20.09 -33.09
N GLN A 269 -0.62 21.39 -33.21
CA GLN A 269 0.71 21.79 -33.63
C GLN A 269 1.71 21.87 -32.49
N LYS A 270 1.24 21.94 -31.24
CA LYS A 270 2.10 22.06 -30.08
C LYS A 270 2.37 20.68 -29.52
N PRO A 271 3.60 20.16 -29.63
CA PRO A 271 3.88 18.83 -29.10
C PRO A 271 3.90 18.85 -27.58
N ASN A 272 3.56 17.70 -26.99
CA ASN A 272 3.59 17.68 -25.54
C ASN A 272 5.02 17.58 -25.05
N ILE A 273 5.20 17.95 -23.78
CA ILE A 273 6.52 17.92 -23.17
C ILE A 273 6.86 16.49 -22.81
N ASP A 274 7.94 15.98 -23.39
CA ASP A 274 8.40 14.62 -23.14
C ASP A 274 9.91 14.64 -22.99
N VAL A 275 10.42 14.34 -21.80
CA VAL A 275 11.85 14.49 -21.54
C VAL A 275 12.60 13.20 -21.78
N THR A 276 11.98 12.27 -22.51
CA THR A 276 12.63 10.99 -22.79
C THR A 276 13.95 11.18 -23.54
N ASP A 277 13.93 12.00 -24.59
CA ASP A 277 15.14 12.25 -25.36
C ASP A 277 16.21 12.87 -24.48
N ALA A 278 15.84 13.88 -23.71
CA ALA A 278 16.79 14.51 -22.81
C ALA A 278 17.43 13.50 -21.84
N MET A 279 16.62 12.59 -21.27
CA MET A 279 17.16 11.57 -20.36
C MET A 279 18.15 10.65 -21.07
N VAL A 280 17.86 10.28 -22.32
CA VAL A 280 18.79 9.46 -23.08
C VAL A 280 20.05 10.25 -23.40
N ASP A 281 19.90 11.51 -23.77
CA ASP A 281 21.08 12.33 -24.06
C ASP A 281 21.98 12.38 -22.85
N GLN A 282 21.40 12.55 -21.66
CA GLN A 282 22.18 12.68 -20.44
C GLN A 282 22.60 11.34 -19.86
N ALA A 283 22.36 10.23 -20.57
CA ALA A 283 22.89 8.92 -20.18
C ALA A 283 22.25 8.36 -18.89
N TRP A 284 21.03 8.79 -18.55
CA TRP A 284 20.33 8.25 -17.38
C TRP A 284 20.13 6.73 -17.49
N ASP A 285 20.21 6.07 -16.34
CA ASP A 285 19.79 4.67 -16.23
C ASP A 285 18.74 4.54 -15.12
N ALA A 286 18.28 3.30 -14.91
CA ALA A 286 17.27 3.04 -13.88
C ALA A 286 17.72 3.53 -12.51
N GLN A 287 18.98 3.31 -12.18
CA GLN A 287 19.51 3.80 -10.90
C GLN A 287 19.32 5.31 -10.77
N ARG A 288 19.75 6.06 -11.78
CA ARG A 288 19.60 7.51 -11.72
C ARG A 288 18.14 7.91 -11.51
N ILE A 289 17.21 7.26 -12.24
CA ILE A 289 15.79 7.59 -12.08
C ILE A 289 15.35 7.44 -10.63
N PHE A 290 15.66 6.29 -10.00
CA PHE A 290 15.21 6.05 -8.64
C PHE A 290 15.94 6.92 -7.62
N LYS A 291 17.23 7.23 -7.88
CA LYS A 291 17.92 8.23 -7.07
C LYS A 291 17.22 9.58 -7.13
N GLU A 292 16.71 9.96 -8.31
CA GLU A 292 16.02 11.25 -8.42
C GLU A 292 14.71 11.23 -7.64
N ALA A 293 13.97 10.14 -7.76
CA ALA A 293 12.75 10.00 -6.95
C ALA A 293 13.10 10.06 -5.46
N GLU A 294 14.18 9.40 -5.06
CA GLU A 294 14.56 9.46 -3.66
C GLU A 294 14.87 10.89 -3.23
N LYS A 295 15.58 11.66 -4.09
CA LYS A 295 15.83 13.08 -3.80
C LYS A 295 14.53 13.85 -3.58
N PHE A 296 13.52 13.54 -4.39
CA PHE A 296 12.26 14.30 -4.31
C PHE A 296 11.62 14.13 -2.93
N PHE A 297 11.62 12.91 -2.39
CA PHE A 297 10.96 12.70 -1.10
C PHE A 297 11.78 13.33 0.03
N VAL A 298 13.11 13.27 -0.06
CA VAL A 298 13.93 13.85 0.98
C VAL A 298 13.73 15.35 1.04
N SER A 299 13.61 15.98 -0.13
CA SER A 299 13.41 17.42 -0.20
C SER A 299 12.18 17.90 0.56
N VAL A 300 11.18 17.04 0.75
CA VAL A 300 10.00 17.42 1.55
C VAL A 300 10.09 16.86 2.97
N GLY A 301 11.25 16.34 3.36
CA GLY A 301 11.45 15.92 4.74
C GLY A 301 11.20 14.45 5.02
N LEU A 302 11.02 13.66 4.02
CA LEU A 302 10.79 12.24 4.20
C LEU A 302 12.11 11.47 4.17
N PRO A 303 12.14 10.27 4.72
CA PRO A 303 13.42 9.55 4.81
C PRO A 303 13.90 9.06 3.44
N ASN A 304 15.20 8.79 3.39
CA ASN A 304 15.84 8.07 2.30
C ASN A 304 15.24 6.67 2.15
N MET A 305 15.50 6.05 1.01
CA MET A 305 15.26 4.61 0.91
C MET A 305 16.20 3.89 1.86
N THR A 306 15.81 2.68 2.25
CA THR A 306 16.65 1.94 3.17
C THR A 306 17.83 1.33 2.42
N GLN A 307 18.85 0.92 3.16
CA GLN A 307 19.94 0.22 2.49
C GLN A 307 19.41 -1.03 1.80
N GLY A 308 18.47 -1.73 2.45
CA GLY A 308 17.92 -2.94 1.86
C GLY A 308 17.17 -2.67 0.56
N PHE A 309 16.45 -1.55 0.49
CA PHE A 309 15.77 -1.20 -0.75
C PHE A 309 16.73 -1.24 -1.94
N TRP A 310 17.93 -0.68 -1.77
CA TRP A 310 18.87 -0.60 -2.87
C TRP A 310 19.50 -1.94 -3.17
N GLU A 311 19.65 -2.80 -2.16
CA GLU A 311 20.28 -4.08 -2.42
C GLU A 311 19.30 -5.13 -2.93
N ASN A 312 18.02 -5.06 -2.53
CA ASN A 312 17.12 -6.16 -2.83
C ASN A 312 16.09 -5.88 -3.92
N SER A 313 15.86 -4.60 -4.28
CA SER A 313 14.91 -4.29 -5.31
C SER A 313 15.35 -4.89 -6.66
N MET A 314 14.39 -5.06 -7.55
CA MET A 314 14.71 -5.35 -8.95
C MET A 314 14.29 -4.14 -9.76
N LEU A 315 15.26 -3.32 -10.17
CA LEU A 315 14.96 -2.05 -10.81
C LEU A 315 15.10 -2.10 -12.32
N THR A 316 15.59 -3.20 -12.89
CA THR A 316 15.66 -3.40 -14.34
C THR A 316 15.31 -4.84 -14.66
N ASP A 317 14.79 -5.05 -15.88
CA ASP A 317 14.52 -6.39 -16.37
C ASP A 317 15.80 -7.23 -16.28
N PRO A 318 15.77 -8.40 -15.63
CA PRO A 318 17.00 -9.23 -15.56
C PRO A 318 17.29 -9.98 -16.85
N GLY A 319 16.35 -9.99 -17.80
CA GLY A 319 16.62 -10.34 -19.18
C GLY A 319 17.07 -11.76 -19.47
N ASN A 320 18.36 -11.91 -19.73
CA ASN A 320 18.86 -13.20 -20.17
C ASN A 320 19.13 -14.15 -19.02
N VAL A 321 19.20 -13.65 -17.79
CA VAL A 321 19.41 -14.55 -16.66
C VAL A 321 18.11 -15.21 -16.24
N GLN A 322 17.13 -14.41 -15.81
CA GLN A 322 15.88 -14.91 -15.25
C GLN A 322 14.70 -14.27 -15.97
N LYS A 323 13.55 -14.91 -15.86
CA LYS A 323 12.28 -14.33 -16.27
C LYS A 323 11.62 -13.71 -15.04
N ALA A 324 11.12 -12.47 -15.20
CA ALA A 324 10.49 -11.72 -14.12
C ALA A 324 9.12 -11.23 -14.56
N VAL A 325 8.30 -10.86 -13.58
CA VAL A 325 6.97 -10.31 -13.80
C VAL A 325 7.11 -8.79 -13.74
N CYS A 326 6.92 -8.10 -14.86
CA CYS A 326 7.42 -6.74 -14.99
C CYS A 326 6.42 -5.65 -14.59
N HIS A 327 5.24 -5.97 -14.06
CA HIS A 327 4.34 -4.92 -13.61
C HIS A 327 5.00 -4.13 -12.48
N PRO A 328 5.08 -2.80 -12.57
CA PRO A 328 5.66 -2.03 -11.46
C PRO A 328 4.86 -2.21 -10.18
N THR A 329 5.53 -2.64 -9.12
CA THR A 329 4.89 -2.97 -7.86
C THR A 329 5.79 -2.49 -6.71
N ALA A 330 5.18 -1.86 -5.70
CA ALA A 330 5.86 -1.49 -4.47
C ALA A 330 5.55 -2.55 -3.42
N TRP A 331 6.59 -3.21 -2.92
CA TRP A 331 6.46 -4.33 -2.01
C TRP A 331 6.77 -3.91 -0.60
N ASP A 332 5.85 -4.19 0.30
CA ASP A 332 6.06 -4.09 1.74
C ASP A 332 6.02 -5.53 2.26
N LEU A 333 7.20 -6.12 2.45
CA LEU A 333 7.31 -7.50 2.89
C LEU A 333 7.13 -7.66 4.40
N GLY A 334 7.25 -6.57 5.17
CA GLY A 334 7.34 -6.68 6.61
C GLY A 334 8.77 -6.73 7.12
N LYS A 335 8.90 -6.59 8.43
CA LYS A 335 10.20 -6.74 9.10
C LYS A 335 11.23 -5.77 8.53
N GLY A 336 10.78 -4.54 8.25
CA GLY A 336 11.62 -3.46 7.76
C GLY A 336 12.09 -3.62 6.32
N ASP A 337 11.56 -4.59 5.59
CA ASP A 337 12.06 -4.96 4.27
C ASP A 337 11.10 -4.37 3.23
N PHE A 338 11.50 -3.26 2.62
CA PHE A 338 10.74 -2.59 1.57
C PHE A 338 11.47 -2.71 0.23
N ARG A 339 10.73 -3.00 -0.84
CA ARG A 339 11.35 -3.15 -2.17
C ARG A 339 10.44 -2.63 -3.28
N ILE A 340 11.05 -2.33 -4.43
CA ILE A 340 10.29 -2.06 -5.64
C ILE A 340 10.72 -3.07 -6.69
N LEU A 341 9.75 -3.59 -7.43
CA LEU A 341 9.97 -4.49 -8.55
C LEU A 341 9.49 -3.73 -9.78
N MET A 342 10.42 -3.42 -10.68
CA MET A 342 10.06 -2.64 -11.86
C MET A 342 11.08 -2.88 -12.96
N CYS A 343 10.60 -3.16 -14.17
CA CYS A 343 11.53 -3.32 -15.30
C CYS A 343 11.71 -1.95 -15.94
N THR A 344 12.49 -1.09 -15.28
CA THR A 344 12.55 0.31 -15.66
C THR A 344 13.21 0.52 -17.03
N LYS A 345 12.60 1.40 -17.83
CA LYS A 345 13.15 1.86 -19.10
C LYS A 345 13.43 3.36 -19.00
N VAL A 346 14.31 3.86 -19.85
CA VAL A 346 14.72 5.26 -19.76
C VAL A 346 13.73 6.13 -20.52
N THR A 347 12.53 6.31 -19.94
CA THR A 347 11.48 7.11 -20.54
C THR A 347 10.94 8.07 -19.49
N MET A 348 10.29 9.12 -19.97
CA MET A 348 9.56 10.01 -19.07
C MET A 348 8.46 9.25 -18.33
N ASP A 349 7.80 8.30 -19.02
CA ASP A 349 6.76 7.50 -18.37
C ASP A 349 7.32 6.77 -17.16
N ASP A 350 8.49 6.13 -17.30
CA ASP A 350 9.01 5.35 -16.19
C ASP A 350 9.61 6.22 -15.09
N PHE A 351 10.16 7.38 -15.47
CA PHE A 351 10.56 8.37 -14.48
C PHE A 351 9.38 8.71 -13.56
N LEU A 352 8.20 8.93 -14.16
CA LEU A 352 7.03 9.31 -13.36
C LEU A 352 6.52 8.14 -12.55
N THR A 353 6.51 6.94 -13.15
CA THR A 353 6.07 5.76 -12.42
C THR A 353 6.93 5.54 -11.18
N ALA A 354 8.25 5.71 -11.30
CA ALA A 354 9.16 5.51 -10.17
C ALA A 354 8.77 6.40 -8.98
N HIS A 355 8.41 7.66 -9.25
CA HIS A 355 7.94 8.53 -8.19
C HIS A 355 6.65 7.99 -7.57
N HIS A 356 5.69 7.57 -8.42
CA HIS A 356 4.46 6.93 -7.99
C HIS A 356 4.76 5.76 -7.07
N GLU A 357 5.51 4.80 -7.57
CA GLU A 357 5.77 3.58 -6.81
C GLU A 357 6.51 3.90 -5.52
N MET A 358 7.50 4.80 -5.59
CA MET A 358 8.23 5.13 -4.38
C MET A 358 7.35 5.84 -3.38
N GLY A 359 6.28 6.50 -3.84
CA GLY A 359 5.29 7.04 -2.91
C GLY A 359 4.58 5.97 -2.11
N HIS A 360 4.24 4.84 -2.75
CA HIS A 360 3.75 3.69 -2.01
C HIS A 360 4.74 3.26 -0.94
N ILE A 361 6.03 3.21 -1.30
CA ILE A 361 7.04 2.80 -0.34
C ILE A 361 7.09 3.76 0.84
N GLN A 362 6.97 5.07 0.57
CA GLN A 362 6.98 6.05 1.66
C GLN A 362 5.81 5.83 2.60
N TYR A 363 4.62 5.62 2.05
CA TYR A 363 3.45 5.26 2.87
C TYR A 363 3.76 4.05 3.72
N ASP A 364 4.22 2.96 3.08
CA ASP A 364 4.55 1.73 3.79
C ASP A 364 5.54 2.00 4.94
N MET A 365 6.62 2.75 4.66
CA MET A 365 7.64 2.97 5.69
C MET A 365 7.08 3.78 6.85
N ALA A 366 6.20 4.74 6.57
CA ALA A 366 5.71 5.64 7.61
C ALA A 366 4.78 4.93 8.61
N TYR A 367 4.10 3.86 8.18
CA TYR A 367 3.16 3.19 9.07
C TYR A 367 3.63 1.82 9.50
N ALA A 368 4.89 1.48 9.22
CA ALA A 368 5.47 0.22 9.72
C ALA A 368 5.41 0.10 11.26
N ALA A 369 5.47 1.21 12.00
CA ALA A 369 5.42 1.14 13.45
C ALA A 369 4.03 0.87 13.98
N GLN A 370 3.00 0.98 13.15
CA GLN A 370 1.67 0.57 13.56
C GLN A 370 1.63 -0.95 13.75
N PRO A 371 0.72 -1.44 14.59
CA PRO A 371 0.53 -2.90 14.72
C PRO A 371 0.20 -3.52 13.38
N PHE A 372 0.61 -4.78 13.21
CA PHE A 372 0.62 -5.46 11.91
C PHE A 372 -0.64 -5.25 11.08
N LEU A 373 -1.80 -5.58 11.65
CA LEU A 373 -3.07 -5.52 10.94
C LEU A 373 -3.52 -4.11 10.61
N LEU A 374 -2.87 -3.08 11.16
CA LEU A 374 -3.22 -1.68 10.88
C LEU A 374 -2.28 -1.03 9.87
N ARG A 375 -1.34 -1.79 9.31
CA ARG A 375 -0.40 -1.30 8.30
C ARG A 375 -1.08 -1.34 6.94
N ASN A 376 -1.83 -0.29 6.63
CA ASN A 376 -2.48 -0.23 5.33
C ASN A 376 -2.98 1.20 5.12
N GLY A 377 -3.38 1.51 3.88
CA GLY A 377 -4.03 2.78 3.64
C GLY A 377 -5.29 2.94 4.47
N ALA A 378 -5.60 4.19 4.79
CA ALA A 378 -6.70 4.47 5.70
C ALA A 378 -8.06 3.99 5.14
N ASN A 379 -8.21 3.93 3.81
CA ASN A 379 -9.26 3.13 3.17
C ASN A 379 -8.75 2.73 1.78
N GLU A 380 -9.60 2.03 1.01
CA GLU A 380 -9.13 1.43 -0.23
C GLU A 380 -8.69 2.47 -1.27
N GLY A 381 -9.01 3.74 -1.06
CA GLY A 381 -8.62 4.72 -2.05
C GLY A 381 -7.36 5.49 -1.73
N PHE A 382 -6.76 5.27 -0.55
CA PHE A 382 -5.68 6.16 -0.10
C PHE A 382 -4.35 5.86 -0.81
N HIS A 383 -3.93 4.60 -0.88
CA HIS A 383 -2.60 4.30 -1.40
C HIS A 383 -2.40 4.88 -2.80
N GLU A 384 -3.34 4.59 -3.71
CA GLU A 384 -3.18 5.07 -5.08
C GLU A 384 -3.25 6.59 -5.14
N ALA A 385 -4.02 7.22 -4.25
CA ALA A 385 -4.03 8.68 -4.23
C ALA A 385 -2.67 9.25 -3.83
N VAL A 386 -1.98 8.57 -2.92
CA VAL A 386 -0.63 9.00 -2.55
C VAL A 386 0.33 8.83 -3.72
N GLY A 387 0.23 7.71 -4.44
CA GLY A 387 1.10 7.52 -5.58
C GLY A 387 0.87 8.55 -6.67
N GLU A 388 -0.39 8.87 -6.97
CA GLU A 388 -0.72 9.75 -8.09
C GLU A 388 -0.25 11.18 -7.85
N ILE A 389 -0.40 11.74 -6.64
CA ILE A 389 0.07 13.11 -6.44
C ILE A 389 1.58 13.24 -6.63
N MET A 390 2.33 12.15 -6.50
CA MET A 390 3.77 12.21 -6.77
C MET A 390 4.06 12.42 -8.24
N SER A 391 3.30 11.77 -9.14
CA SER A 391 3.45 12.04 -10.58
C SER A 391 3.10 13.48 -10.91
N LEU A 392 2.08 14.05 -10.25
CA LEU A 392 1.67 15.42 -10.54
C LEU A 392 2.84 16.38 -10.38
N SER A 393 3.43 16.41 -9.19
CA SER A 393 4.57 17.30 -8.95
C SER A 393 5.71 16.98 -9.89
N ALA A 394 6.00 15.71 -10.12
CA ALA A 394 7.22 15.36 -10.80
C ALA A 394 7.17 15.61 -12.31
N ALA A 395 5.97 15.75 -12.88
CA ALA A 395 5.83 15.98 -14.31
C ALA A 395 5.72 17.45 -14.69
N THR A 396 5.52 18.33 -13.71
CA THR A 396 5.37 19.74 -14.03
C THR A 396 6.65 20.27 -14.67
N PRO A 397 6.53 21.19 -15.64
CA PRO A 397 7.73 21.82 -16.21
C PRO A 397 8.59 22.49 -15.16
N LYS A 398 7.98 23.09 -14.13
CA LYS A 398 8.78 23.67 -13.06
C LYS A 398 9.75 22.65 -12.49
N HIS A 399 9.26 21.42 -12.24
CA HIS A 399 10.10 20.40 -11.63
C HIS A 399 11.18 19.91 -12.59
N LEU A 400 10.80 19.65 -13.85
CA LEU A 400 11.75 19.11 -14.81
C LEU A 400 12.85 20.11 -15.14
N LYS A 401 12.54 21.41 -15.11
CA LYS A 401 13.58 22.41 -15.21
C LYS A 401 14.60 22.22 -14.09
N SER A 402 14.11 22.18 -12.85
CA SER A 402 14.97 22.12 -11.66
C SER A 402 15.96 20.98 -11.70
N ILE A 403 15.64 19.88 -12.37
CA ILE A 403 16.50 18.70 -12.38
C ILE A 403 17.25 18.56 -13.70
N GLY A 404 17.18 19.58 -14.56
CA GLY A 404 17.98 19.56 -15.78
C GLY A 404 17.46 18.64 -16.86
N LEU A 405 16.15 18.40 -16.92
CA LEU A 405 15.60 17.70 -18.06
C LEU A 405 14.86 18.64 -19.01
N LEU A 406 14.58 19.86 -18.57
CA LEU A 406 14.16 20.94 -19.45
C LEU A 406 15.15 22.08 -19.29
N SER A 407 15.43 22.77 -20.40
CA SER A 407 16.44 23.82 -20.40
C SER A 407 16.01 24.97 -19.51
N PRO A 408 16.95 25.64 -18.84
CA PRO A 408 16.57 26.75 -17.94
C PRO A 408 15.84 27.86 -18.64
N ASP A 409 15.95 27.94 -19.96
CA ASP A 409 15.18 28.87 -20.80
C ASP A 409 14.16 28.04 -21.56
N PHE A 410 13.08 27.68 -20.86
CA PHE A 410 11.94 26.99 -21.44
C PHE A 410 10.70 27.67 -20.87
N GLN A 411 9.67 27.84 -21.69
CA GLN A 411 8.49 28.51 -21.17
C GLN A 411 7.24 27.83 -21.67
N GLU A 412 6.26 27.69 -20.77
CA GLU A 412 5.00 27.01 -21.05
C GLU A 412 4.04 28.00 -21.70
N ASP A 413 3.50 27.66 -22.86
CA ASP A 413 2.51 28.54 -23.46
C ASP A 413 1.09 28.07 -23.15
N ASN A 414 0.16 29.02 -23.33
CA ASN A 414 -1.26 28.75 -23.12
C ASN A 414 -1.65 27.43 -23.76
N GLU A 415 -1.26 27.26 -25.02
CA GLU A 415 -1.81 26.16 -25.79
C GLU A 415 -1.30 24.82 -25.28
N THR A 416 -0.02 24.73 -24.90
CA THR A 416 0.49 23.45 -24.39
C THR A 416 -0.21 23.07 -23.09
N GLU A 417 -0.45 24.05 -22.22
CA GLU A 417 -1.14 23.76 -20.96
C GLU A 417 -2.56 23.27 -21.21
N ILE A 418 -3.26 23.86 -22.17
CA ILE A 418 -4.61 23.39 -22.48
C ILE A 418 -4.57 21.99 -23.07
N ASN A 419 -3.61 21.72 -23.95
CA ASN A 419 -3.39 20.35 -24.44
C ASN A 419 -3.23 19.38 -23.27
N PHE A 420 -2.41 19.75 -22.29
CA PHE A 420 -2.13 18.86 -21.16
C PHE A 420 -3.39 18.61 -20.34
N LEU A 421 -4.06 19.69 -19.91
CA LEU A 421 -5.27 19.58 -19.10
C LEU A 421 -6.37 18.81 -19.84
N LEU A 422 -6.50 19.00 -21.16
CA LEU A 422 -7.48 18.23 -21.94
C LEU A 422 -7.16 16.74 -21.87
N LYS A 423 -5.91 16.38 -22.19
CA LYS A 423 -5.45 15.00 -22.09
C LYS A 423 -5.70 14.46 -20.69
N GLN A 424 -5.28 15.21 -19.67
CA GLN A 424 -5.59 14.79 -18.31
C GLN A 424 -7.08 14.49 -18.16
N ALA A 425 -7.96 15.40 -18.58
CA ALA A 425 -9.38 15.23 -18.31
C ALA A 425 -9.96 14.01 -19.04
N LEU A 426 -9.48 13.72 -20.25
CA LEU A 426 -10.00 12.55 -20.98
C LEU A 426 -9.83 11.30 -20.14
N THR A 427 -8.72 11.19 -19.45
CA THR A 427 -8.47 10.05 -18.59
C THR A 427 -9.16 10.20 -17.24
N ILE A 428 -8.92 11.32 -16.56
CA ILE A 428 -9.32 11.47 -15.17
C ILE A 428 -10.80 11.79 -15.07
N VAL A 429 -11.26 12.79 -15.80
CA VAL A 429 -12.65 13.20 -15.70
C VAL A 429 -13.56 12.23 -16.44
N GLY A 430 -13.15 11.76 -17.61
CA GLY A 430 -14.01 10.87 -18.37
C GLY A 430 -14.35 9.58 -17.66
N THR A 431 -13.45 9.09 -16.81
CA THR A 431 -13.74 7.84 -16.14
C THR A 431 -14.73 8.01 -14.99
N LEU A 432 -14.94 9.23 -14.50
CA LEU A 432 -15.75 9.38 -13.28
C LEU A 432 -17.22 9.02 -13.51
N PRO A 433 -17.92 9.54 -14.53
CA PRO A 433 -19.29 9.06 -14.73
C PRO A 433 -19.34 7.58 -15.07
N PHE A 434 -18.36 7.10 -15.84
CA PHE A 434 -18.30 5.67 -16.12
C PHE A 434 -18.24 4.89 -14.82
N THR A 435 -17.34 5.31 -13.93
CA THR A 435 -17.10 4.53 -12.73
C THR A 435 -18.30 4.58 -11.80
N TYR A 436 -18.83 5.80 -11.59
CA TYR A 436 -20.02 5.95 -10.76
C TYR A 436 -21.18 5.12 -11.30
N MET A 437 -21.51 5.29 -12.59
CA MET A 437 -22.67 4.59 -13.18
C MET A 437 -22.53 3.08 -13.09
N LEU A 438 -21.35 2.56 -13.38
CA LEU A 438 -21.19 1.11 -13.32
C LEU A 438 -21.45 0.62 -11.90
N GLU A 439 -20.84 1.27 -10.90
CA GLU A 439 -21.03 0.79 -9.55
C GLU A 439 -22.46 0.99 -9.09
N LYS A 440 -23.12 2.08 -9.52
CA LYS A 440 -24.50 2.26 -9.13
C LYS A 440 -25.36 1.12 -9.67
N TRP A 441 -25.09 0.69 -10.89
CA TRP A 441 -25.87 -0.44 -11.43
C TRP A 441 -25.66 -1.70 -10.60
N ARG A 442 -24.43 -1.95 -10.17
CA ARG A 442 -24.17 -3.14 -9.36
C ARG A 442 -24.81 -3.02 -7.98
N TRP A 443 -24.67 -1.86 -7.33
CA TRP A 443 -25.29 -1.65 -6.02
C TRP A 443 -26.78 -1.91 -6.07
N MET A 444 -27.44 -1.43 -7.15
CA MET A 444 -28.89 -1.62 -7.35
C MET A 444 -29.22 -3.07 -7.68
N VAL A 445 -28.40 -3.74 -8.49
CA VAL A 445 -28.61 -5.15 -8.76
C VAL A 445 -28.48 -5.96 -7.48
N PHE A 446 -27.45 -5.68 -6.67
CA PHE A 446 -27.27 -6.38 -5.41
C PHE A 446 -28.40 -6.12 -4.42
N LYS A 447 -28.97 -4.90 -4.44
CA LYS A 447 -30.11 -4.57 -3.59
C LYS A 447 -31.41 -5.20 -4.08
N GLY A 448 -31.45 -5.79 -5.27
CA GLY A 448 -32.71 -6.28 -5.77
C GLY A 448 -33.62 -5.20 -6.31
N GLU A 449 -33.09 -4.02 -6.63
CA GLU A 449 -33.87 -2.94 -7.23
C GLU A 449 -33.97 -3.03 -8.75
N ILE A 450 -33.24 -3.94 -9.38
CA ILE A 450 -33.38 -4.15 -10.82
C ILE A 450 -33.70 -5.62 -11.05
N PRO A 451 -34.91 -5.96 -11.46
CA PRO A 451 -35.22 -7.36 -11.77
C PRO A 451 -34.47 -7.85 -13.00
N LYS A 452 -34.19 -9.17 -13.00
CA LYS A 452 -33.32 -9.78 -14.00
C LYS A 452 -33.76 -9.45 -15.43
N ASP A 453 -35.08 -9.41 -15.69
CA ASP A 453 -35.51 -9.13 -17.08
C ASP A 453 -35.37 -7.70 -17.45
N GLN A 454 -34.73 -6.88 -16.61
CA GLN A 454 -34.47 -5.50 -16.94
C GLN A 454 -33.01 -5.10 -16.71
N TRP A 455 -32.14 -6.08 -16.46
CA TRP A 455 -30.72 -5.83 -16.23
C TRP A 455 -30.09 -4.98 -17.35
N MET A 456 -30.13 -5.48 -18.58
CA MET A 456 -29.57 -4.74 -19.70
C MET A 456 -30.39 -3.52 -20.05
N LYS A 457 -31.71 -3.56 -19.86
CA LYS A 457 -32.51 -2.36 -20.10
C LYS A 457 -32.07 -1.24 -19.19
N LYS A 458 -31.91 -1.52 -17.89
CA LYS A 458 -31.56 -0.45 -16.97
C LYS A 458 -30.09 -0.05 -17.13
N TRP A 459 -29.20 -1.02 -17.41
CA TRP A 459 -27.81 -0.72 -17.73
C TRP A 459 -27.71 0.36 -18.81
N TRP A 460 -28.39 0.15 -19.95
CA TRP A 460 -28.27 1.10 -21.05
C TRP A 460 -29.09 2.36 -20.81
N GLU A 461 -30.15 2.27 -20.00
CA GLU A 461 -30.80 3.51 -19.57
C GLU A 461 -29.85 4.37 -18.74
N MET A 462 -29.06 3.74 -17.87
CA MET A 462 -28.18 4.52 -17.00
C MET A 462 -26.92 5.01 -17.72
N LYS A 463 -26.42 4.23 -18.69
CA LYS A 463 -25.39 4.71 -19.61
C LYS A 463 -25.81 5.99 -20.32
N ARG A 464 -27.01 5.97 -20.92
CA ARG A 464 -27.50 7.16 -21.62
C ARG A 464 -27.72 8.30 -20.65
N GLU A 465 -28.34 8.00 -19.51
CA GLU A 465 -28.76 9.05 -18.59
C GLU A 465 -27.56 9.71 -17.93
N ILE A 466 -26.68 8.91 -17.31
CA ILE A 466 -25.60 9.46 -16.47
C ILE A 466 -24.32 9.68 -17.26
N VAL A 467 -23.98 8.77 -18.18
CA VAL A 467 -22.69 8.85 -18.86
C VAL A 467 -22.75 9.58 -20.21
N GLY A 468 -23.93 9.71 -20.83
CA GLY A 468 -24.01 10.35 -22.14
C GLY A 468 -23.54 9.47 -23.26
N VAL A 469 -23.77 8.17 -23.16
CA VAL A 469 -23.23 7.15 -24.05
C VAL A 469 -24.35 6.16 -24.35
N VAL A 470 -24.48 5.77 -25.61
CA VAL A 470 -25.61 4.97 -26.06
C VAL A 470 -25.12 3.74 -26.79
N GLU A 471 -25.82 2.62 -26.60
CA GLU A 471 -25.41 1.38 -27.23
C GLU A 471 -25.64 1.50 -28.75
N PRO A 472 -24.69 1.05 -29.59
CA PRO A 472 -24.87 1.20 -31.03
C PRO A 472 -25.88 0.22 -31.62
N VAL A 473 -26.11 -0.92 -30.98
CA VAL A 473 -27.14 -1.87 -31.39
C VAL A 473 -27.89 -2.33 -30.16
N PRO A 474 -29.16 -2.70 -30.34
CA PRO A 474 -29.98 -3.05 -29.17
C PRO A 474 -29.55 -4.38 -28.59
N HIS A 475 -29.69 -4.51 -27.28
CA HIS A 475 -29.18 -5.67 -26.54
C HIS A 475 -30.28 -6.15 -25.60
N ASP A 476 -30.64 -7.43 -25.72
CA ASP A 476 -31.69 -7.96 -24.86
C ASP A 476 -31.07 -8.57 -23.61
N GLU A 477 -31.86 -9.32 -22.85
CA GLU A 477 -31.41 -9.80 -21.56
C GLU A 477 -30.57 -11.07 -21.66
N THR A 478 -30.24 -11.54 -22.87
CA THR A 478 -29.21 -12.56 -22.99
C THR A 478 -27.82 -11.98 -22.91
N TYR A 479 -27.68 -10.67 -22.98
CA TYR A 479 -26.39 -10.01 -22.81
C TYR A 479 -26.13 -9.78 -21.33
N CYS A 480 -24.85 -9.66 -20.99
CA CYS A 480 -24.42 -9.22 -19.67
C CYS A 480 -23.26 -8.26 -19.83
N ASP A 481 -23.55 -7.10 -20.46
CA ASP A 481 -22.48 -6.18 -20.85
C ASP A 481 -21.62 -5.71 -19.67
N PRO A 482 -22.14 -5.43 -18.48
CA PRO A 482 -21.22 -5.08 -17.39
C PRO A 482 -20.17 -6.16 -17.13
N ALA A 483 -20.52 -7.44 -17.29
CA ALA A 483 -19.52 -8.49 -17.08
C ALA A 483 -18.51 -8.57 -18.21
N SER A 484 -18.69 -7.79 -19.28
CA SER A 484 -17.68 -7.80 -20.32
C SER A 484 -16.43 -7.02 -19.93
N LEU A 485 -16.42 -6.40 -18.75
CA LEU A 485 -15.26 -5.69 -18.25
C LEU A 485 -14.62 -6.49 -17.11
N PHE A 486 -13.29 -6.56 -17.12
CA PHE A 486 -12.52 -7.37 -16.17
C PHE A 486 -13.03 -7.32 -14.75
N HIS A 487 -13.23 -6.10 -14.23
CA HIS A 487 -13.52 -5.95 -12.80
C HIS A 487 -14.86 -6.58 -12.44
N VAL A 488 -15.80 -6.58 -13.38
CA VAL A 488 -17.12 -7.10 -13.06
C VAL A 488 -17.09 -8.61 -13.07
N SER A 489 -16.55 -9.21 -14.13
CA SER A 489 -16.48 -10.65 -14.20
C SER A 489 -15.44 -11.26 -13.27
N ASN A 490 -14.53 -10.45 -12.70
CA ASN A 490 -13.52 -10.95 -11.76
C ASN A 490 -13.75 -10.48 -10.33
N ASP A 491 -14.88 -9.84 -10.03
CA ASP A 491 -15.34 -9.72 -8.64
C ASP A 491 -14.52 -8.69 -7.84
N TYR A 492 -14.22 -7.56 -8.45
CA TYR A 492 -13.54 -6.46 -7.77
C TYR A 492 -14.49 -5.28 -7.67
N SER A 493 -14.56 -4.66 -6.50
CA SER A 493 -15.36 -3.46 -6.37
C SER A 493 -14.70 -2.33 -7.17
N PHE A 494 -15.52 -1.34 -7.56
CA PHE A 494 -15.11 -0.36 -8.54
C PHE A 494 -15.14 1.09 -8.06
N ILE A 495 -15.95 1.43 -7.05
CA ILE A 495 -16.04 2.82 -6.60
C ILE A 495 -14.69 3.34 -6.08
N ARG A 496 -13.73 2.45 -5.79
CA ARG A 496 -12.41 2.90 -5.35
C ARG A 496 -11.76 3.85 -6.38
N TYR A 497 -12.02 3.66 -7.67
CA TYR A 497 -11.41 4.54 -8.67
C TYR A 497 -12.04 5.92 -8.63
N TYR A 498 -13.30 6.02 -8.23
CA TYR A 498 -13.92 7.32 -8.02
C TYR A 498 -13.38 8.01 -6.77
N THR A 499 -13.41 7.32 -5.63
CA THR A 499 -13.02 7.98 -4.38
C THR A 499 -11.54 8.38 -4.41
N ARG A 500 -10.70 7.51 -4.96
CA ARG A 500 -9.27 7.79 -4.99
C ARG A 500 -9.02 9.02 -5.84
N THR A 501 -9.73 9.14 -6.96
CA THR A 501 -9.54 10.28 -7.84
C THR A 501 -9.84 11.58 -7.12
N LEU A 502 -10.94 11.63 -6.37
CA LEU A 502 -11.23 12.86 -5.65
C LEU A 502 -10.18 13.10 -4.56
N TYR A 503 -9.85 12.06 -3.80
CA TYR A 503 -8.81 12.16 -2.78
C TYR A 503 -7.52 12.79 -3.32
N GLN A 504 -7.08 12.37 -4.51
CA GLN A 504 -5.74 12.77 -4.97
C GLN A 504 -5.66 14.28 -5.16
N PHE A 505 -6.73 14.89 -5.67
CA PHE A 505 -6.72 16.33 -5.81
C PHE A 505 -6.97 17.04 -4.48
N GLN A 506 -7.77 16.45 -3.58
CA GLN A 506 -7.83 16.98 -2.21
C GLN A 506 -6.44 17.03 -1.59
N PHE A 507 -5.69 15.93 -1.71
CA PHE A 507 -4.32 15.88 -1.18
C PHE A 507 -3.45 16.95 -1.84
N GLN A 508 -3.46 17.03 -3.16
CA GLN A 508 -2.57 17.94 -3.86
C GLN A 508 -2.91 19.38 -3.50
N GLU A 509 -4.19 19.74 -3.54
CA GLU A 509 -4.58 21.10 -3.17
C GLU A 509 -4.05 21.49 -1.80
N ALA A 510 -4.26 20.63 -0.79
CA ALA A 510 -3.79 20.93 0.56
C ALA A 510 -2.27 21.00 0.62
N LEU A 511 -1.59 20.04 -0.03
CA LEU A 511 -0.13 20.04 0.01
C LEU A 511 0.45 21.25 -0.71
N CYS A 512 -0.18 21.68 -1.80
CA CYS A 512 0.29 22.86 -2.50
C CYS A 512 -0.02 24.11 -1.72
N GLN A 513 -1.19 24.15 -1.06
CA GLN A 513 -1.50 25.21 -0.11
C GLN A 513 -0.38 25.35 0.93
N ALA A 514 0.09 24.21 1.45
CA ALA A 514 1.12 24.23 2.47
C ALA A 514 2.47 24.66 1.90
N ALA A 515 2.76 24.32 0.65
CA ALA A 515 3.97 24.79 0.00
C ALA A 515 3.84 26.20 -0.55
N LYS A 516 2.74 26.90 -0.27
CA LYS A 516 2.56 28.30 -0.69
C LYS A 516 2.68 28.43 -2.21
N HIS A 517 2.14 27.45 -2.93
CA HIS A 517 2.14 27.48 -4.38
C HIS A 517 1.25 28.61 -4.88
N GLU A 518 1.71 29.30 -5.92
CA GLU A 518 0.96 30.39 -6.52
C GLU A 518 0.73 30.10 -7.99
N GLY A 519 -0.45 30.39 -8.48
CA GLY A 519 -0.79 30.12 -9.85
C GLY A 519 -1.75 28.97 -9.88
N PRO A 520 -2.08 28.49 -11.08
CA PRO A 520 -3.08 27.42 -11.21
C PRO A 520 -2.60 26.12 -10.57
N LEU A 521 -3.53 25.43 -9.90
CA LEU A 521 -3.18 24.24 -9.14
C LEU A 521 -2.38 23.23 -9.96
N HIS A 522 -2.75 23.05 -11.24
CA HIS A 522 -2.11 22.02 -12.05
C HIS A 522 -0.62 22.26 -12.24
N LYS A 523 -0.09 23.40 -11.81
CA LYS A 523 1.33 23.68 -12.03
C LYS A 523 2.18 23.52 -10.78
N CYS A 524 1.62 22.96 -9.72
CA CYS A 524 2.29 22.97 -8.42
C CYS A 524 3.29 21.84 -8.30
N ASP A 525 4.45 22.15 -7.72
CA ASP A 525 5.48 21.16 -7.38
C ASP A 525 5.78 21.34 -5.91
N ILE A 526 5.62 20.27 -5.12
CA ILE A 526 5.78 20.40 -3.68
C ILE A 526 7.22 20.20 -3.23
N SER A 527 8.15 19.94 -4.14
CA SER A 527 9.54 19.70 -3.78
C SER A 527 10.07 20.83 -2.91
N ASN A 528 11.02 20.49 -2.04
CA ASN A 528 11.71 21.41 -1.17
C ASN A 528 10.78 22.01 -0.12
N SER A 529 9.53 21.53 -0.01
CA SER A 529 8.60 22.02 1.01
C SER A 529 8.41 20.99 2.13
N THR A 530 9.06 21.24 3.26
CA THR A 530 8.91 20.36 4.41
C THR A 530 7.58 20.57 5.14
N GLU A 531 6.96 21.73 4.99
CA GLU A 531 5.61 21.90 5.50
C GLU A 531 4.62 21.01 4.76
N ALA A 532 4.83 20.77 3.47
CA ALA A 532 3.96 19.83 2.76
C ALA A 532 4.30 18.40 3.15
N GLY A 533 5.58 18.08 3.26
CA GLY A 533 5.97 16.74 3.67
C GLY A 533 5.41 16.38 5.03
N GLN A 534 5.42 17.34 5.96
CA GLN A 534 4.95 17.04 7.31
C GLN A 534 3.45 16.81 7.30
N LYS A 535 2.73 17.59 6.50
CA LYS A 535 1.29 17.42 6.43
C LYS A 535 0.92 16.05 5.87
N LEU A 536 1.66 15.59 4.86
CA LEU A 536 1.41 14.27 4.30
C LEU A 536 1.71 13.21 5.34
N PHE A 537 2.90 13.31 5.95
CA PHE A 537 3.37 12.32 6.91
C PHE A 537 2.40 12.16 8.07
N ASN A 538 1.79 13.26 8.53
CA ASN A 538 0.84 13.14 9.64
C ASN A 538 -0.28 12.17 9.31
N MET A 539 -0.64 12.06 8.03
CA MET A 539 -1.62 11.07 7.63
C MET A 539 -0.96 9.74 7.31
N LEU A 540 0.17 9.76 6.60
CA LEU A 540 0.77 8.50 6.17
C LEU A 540 1.00 7.57 7.36
N ARG A 541 1.54 8.12 8.45
CA ARG A 541 1.95 7.29 9.59
C ARG A 541 0.77 6.65 10.29
N LEU A 542 -0.46 7.12 10.05
CA LEU A 542 -1.62 6.55 10.71
C LEU A 542 -1.91 5.14 10.24
N GLY A 543 -1.53 4.82 9.00
CA GLY A 543 -1.95 3.57 8.41
C GLY A 543 -3.45 3.45 8.51
N LYS A 544 -3.90 2.40 9.19
CA LYS A 544 -5.32 2.06 9.31
C LYS A 544 -5.83 2.20 10.74
N SER A 545 -5.04 2.81 11.64
CA SER A 545 -5.43 2.89 13.04
C SER A 545 -6.48 3.96 13.31
N GLU A 546 -6.67 4.91 12.41
CA GLU A 546 -7.68 5.94 12.63
C GLU A 546 -8.78 5.86 11.58
N PRO A 547 -9.94 6.43 11.87
CA PRO A 547 -10.95 6.63 10.83
C PRO A 547 -10.35 7.30 9.59
N TRP A 548 -10.78 6.85 8.41
CA TRP A 548 -10.29 7.50 7.20
C TRP A 548 -10.76 8.95 7.13
N THR A 549 -11.90 9.26 7.74
CA THR A 549 -12.33 10.65 7.89
C THR A 549 -11.33 11.48 8.70
N LEU A 550 -10.69 10.88 9.71
CA LEU A 550 -9.66 11.59 10.46
C LEU A 550 -8.35 11.65 9.69
N ALA A 551 -7.94 10.54 9.08
CA ALA A 551 -6.72 10.56 8.28
C ALA A 551 -6.82 11.60 7.18
N LEU A 552 -7.99 11.71 6.55
CA LEU A 552 -8.19 12.73 5.53
C LEU A 552 -8.09 14.12 6.14
N GLU A 553 -8.81 14.36 7.25
CA GLU A 553 -8.75 15.64 7.96
C GLU A 553 -7.33 16.04 8.34
N ASN A 554 -6.45 15.08 8.57
CA ASN A 554 -5.07 15.45 8.86
C ASN A 554 -4.40 16.13 7.67
N VAL A 555 -4.72 15.71 6.45
CA VAL A 555 -4.08 16.31 5.29
C VAL A 555 -4.78 17.58 4.84
N VAL A 556 -6.10 17.58 4.80
CA VAL A 556 -6.86 18.61 4.11
C VAL A 556 -7.70 19.45 5.02
N GLY A 557 -7.67 19.20 6.34
CA GLY A 557 -8.48 20.01 7.22
C GLY A 557 -9.97 19.79 7.13
N ALA A 558 -10.43 18.74 6.46
CA ALA A 558 -11.86 18.40 6.49
C ALA A 558 -12.00 16.88 6.46
N LYS A 559 -13.19 16.41 6.81
CA LYS A 559 -13.48 15.00 7.00
C LYS A 559 -14.18 14.35 5.82
N ASN A 560 -14.47 15.10 4.77
CA ASN A 560 -15.38 14.64 3.73
C ASN A 560 -14.66 14.54 2.39
N MET A 561 -15.02 13.53 1.62
CA MET A 561 -14.73 13.56 0.19
C MET A 561 -15.33 14.82 -0.41
N ASN A 562 -14.61 15.42 -1.35
CA ASN A 562 -14.92 16.77 -1.83
C ASN A 562 -14.34 16.93 -3.22
N VAL A 563 -15.19 17.28 -4.19
CA VAL A 563 -14.75 17.33 -5.58
C VAL A 563 -14.23 18.70 -5.99
N ARG A 564 -14.37 19.72 -5.14
CA ARG A 564 -13.93 21.06 -5.52
C ARG A 564 -12.45 21.12 -5.87
N PRO A 565 -11.54 20.44 -5.19
CA PRO A 565 -10.13 20.51 -5.61
C PRO A 565 -9.92 19.95 -7.00
N LEU A 566 -10.58 18.84 -7.33
CA LEU A 566 -10.54 18.34 -8.69
C LEU A 566 -10.99 19.42 -9.67
N LEU A 567 -12.16 20.02 -9.42
CA LEU A 567 -12.67 21.07 -10.29
C LEU A 567 -11.70 22.23 -10.36
N ASN A 568 -10.98 22.50 -9.26
CA ASN A 568 -9.99 23.56 -9.28
C ASN A 568 -8.85 23.24 -10.23
N TYR A 569 -8.34 22.01 -10.14
CA TYR A 569 -7.25 21.59 -11.00
C TYR A 569 -7.63 21.83 -12.46
N PHE A 570 -8.90 21.61 -12.80
CA PHE A 570 -9.35 21.67 -14.18
C PHE A 570 -9.95 23.01 -14.56
N GLU A 571 -9.95 23.98 -13.65
CA GLU A 571 -10.60 25.27 -13.93
C GLU A 571 -10.11 25.91 -15.22
N PRO A 572 -8.80 26.05 -15.49
CA PRO A 572 -8.42 26.65 -16.78
C PRO A 572 -9.02 25.90 -17.97
N LEU A 573 -9.19 24.59 -17.87
CA LEU A 573 -9.80 23.83 -18.96
C LEU A 573 -11.31 24.06 -19.01
N PHE A 574 -11.95 24.11 -17.85
CA PHE A 574 -13.38 24.39 -17.79
C PHE A 574 -13.71 25.67 -18.55
N THR A 575 -13.09 26.79 -18.15
CA THR A 575 -13.42 28.07 -18.79
C THR A 575 -13.14 27.99 -20.29
N TRP A 576 -12.01 27.42 -20.68
CA TRP A 576 -11.70 27.25 -22.10
C TRP A 576 -12.76 26.41 -22.81
N LEU A 577 -13.17 25.29 -22.20
CA LEU A 577 -14.19 24.43 -22.81
C LEU A 577 -15.50 25.19 -22.98
N LYS A 578 -15.83 26.03 -22.00
CA LYS A 578 -17.05 26.82 -22.08
C LYS A 578 -17.03 27.75 -23.29
N ASP A 579 -15.88 28.36 -23.56
CA ASP A 579 -15.76 29.21 -24.75
C ASP A 579 -15.89 28.38 -26.03
N GLN A 580 -15.22 27.22 -26.09
CA GLN A 580 -15.28 26.40 -27.31
C GLN A 580 -16.70 25.97 -27.64
N ASN A 581 -17.51 25.68 -26.62
CA ASN A 581 -18.86 25.15 -26.80
C ASN A 581 -19.91 26.22 -27.03
N LYS A 582 -19.52 27.49 -27.21
CA LYS A 582 -20.50 28.57 -27.27
C LYS A 582 -21.46 28.44 -28.45
N ASN A 583 -21.10 27.69 -29.49
CA ASN A 583 -21.98 27.45 -30.62
C ASN A 583 -22.40 25.98 -30.67
N SER A 584 -22.39 25.31 -29.53
CA SER A 584 -22.73 23.91 -29.49
C SER A 584 -23.83 23.67 -28.47
N PHE A 585 -24.44 22.50 -28.61
CA PHE A 585 -25.33 21.97 -27.61
C PHE A 585 -24.49 21.41 -26.47
N VAL A 586 -24.79 21.79 -25.24
CA VAL A 586 -24.13 21.23 -24.07
C VAL A 586 -25.16 20.39 -23.31
N GLY A 587 -24.87 19.12 -23.13
CA GLY A 587 -25.86 18.17 -22.68
C GLY A 587 -26.17 17.20 -23.80
N TRP A 588 -27.18 16.35 -23.57
CA TRP A 588 -27.57 15.37 -24.56
C TRP A 588 -29.00 14.92 -24.30
N SER A 589 -29.64 14.44 -25.38
CA SER A 589 -30.97 13.85 -25.29
C SER A 589 -30.83 12.33 -25.34
N THR A 590 -31.42 11.66 -24.35
CA THR A 590 -31.45 10.20 -24.28
C THR A 590 -32.21 9.57 -25.43
N ASP A 591 -33.07 10.35 -26.09
CA ASP A 591 -34.00 9.84 -27.10
C ASP A 591 -33.30 9.34 -28.36
N TRP A 592 -32.15 9.89 -28.71
CA TRP A 592 -31.44 9.48 -29.93
C TRP A 592 -30.65 8.20 -29.72
N SER A 593 -30.63 7.35 -30.74
CA SER A 593 -29.76 6.19 -30.76
C SER A 593 -29.27 6.00 -32.19
N PRO A 594 -28.13 5.34 -32.37
CA PRO A 594 -27.66 5.06 -33.73
C PRO A 594 -28.58 4.12 -34.52
N TYR A 595 -29.48 3.40 -33.88
CA TYR A 595 -30.31 2.41 -34.58
C TYR A 595 -31.79 2.81 -34.66
N ALA A 596 -32.13 4.05 -34.33
CA ALA A 596 -33.53 4.46 -34.28
C ALA A 596 -34.06 4.80 -35.69
N THR B 1 51.01 -8.13 30.87
CA THR B 1 50.63 -8.84 32.07
C THR B 1 49.28 -8.37 32.61
N ASN B 2 48.29 -9.24 32.51
CA ASN B 2 46.93 -8.97 32.98
C ASN B 2 46.34 -7.72 32.32
N LEU B 3 46.28 -7.76 31.00
CA LEU B 3 45.36 -6.85 30.30
C LEU B 3 43.99 -7.50 30.31
N CYS B 4 42.94 -6.69 30.45
CA CYS B 4 41.62 -7.26 30.63
C CYS B 4 41.19 -7.99 29.35
N PRO B 5 40.51 -9.12 29.48
CA PRO B 5 40.14 -9.93 28.29
C PRO B 5 38.83 -9.49 27.64
N PHE B 6 38.80 -8.26 27.09
CA PHE B 6 37.59 -7.81 26.41
C PHE B 6 37.37 -8.57 25.12
N GLY B 7 38.45 -9.00 24.48
CA GLY B 7 38.32 -9.78 23.25
C GLY B 7 37.54 -11.06 23.47
N GLU B 8 37.71 -11.67 24.64
CA GLU B 8 36.91 -12.84 24.97
C GLU B 8 35.42 -12.51 25.02
N VAL B 9 35.07 -11.26 25.35
CA VAL B 9 33.67 -10.87 25.45
C VAL B 9 33.16 -10.38 24.11
N PHE B 10 33.85 -9.40 23.53
CA PHE B 10 33.35 -8.73 22.34
C PHE B 10 33.44 -9.61 21.10
N ASN B 11 34.53 -10.37 20.98
CA ASN B 11 34.76 -11.23 19.83
C ASN B 11 34.34 -12.68 20.10
N ALA B 12 33.54 -12.93 21.14
CA ALA B 12 33.07 -14.28 21.40
C ALA B 12 32.24 -14.82 20.24
N THR B 13 32.44 -16.10 19.93
CA THR B 13 31.75 -16.73 18.79
C THR B 13 30.27 -16.87 19.05
N ARG B 14 29.90 -17.40 20.21
CA ARG B 14 28.51 -17.53 20.61
C ARG B 14 28.12 -16.38 21.53
N PHE B 15 26.89 -15.87 21.35
CA PHE B 15 26.28 -14.91 22.26
C PHE B 15 24.98 -15.49 22.79
N ALA B 16 24.63 -15.10 24.00
CA ALA B 16 23.46 -15.66 24.66
C ALA B 16 22.17 -15.05 24.11
N SER B 17 21.07 -15.77 24.30
CA SER B 17 19.74 -15.17 24.23
C SER B 17 19.60 -14.14 25.35
N VAL B 18 18.84 -13.06 25.07
CA VAL B 18 18.72 -11.93 25.99
C VAL B 18 18.05 -12.36 27.31
N TYR B 19 17.01 -13.20 27.23
CA TYR B 19 16.36 -13.63 28.46
C TYR B 19 17.32 -14.41 29.34
N ALA B 20 18.33 -15.05 28.73
CA ALA B 20 19.30 -15.80 29.53
C ALA B 20 20.66 -15.14 29.40
N TRP B 21 20.69 -13.82 29.60
CA TRP B 21 21.87 -13.05 29.24
C TRP B 21 23.10 -13.57 29.99
N ASN B 22 24.24 -13.46 29.33
CA ASN B 22 25.47 -13.97 29.90
C ASN B 22 26.15 -12.86 30.69
N ARG B 23 26.74 -13.23 31.83
CA ARG B 23 27.57 -12.34 32.65
C ARG B 23 28.99 -12.87 32.75
N LYS B 24 29.97 -12.00 32.50
CA LYS B 24 31.38 -12.29 32.74
C LYS B 24 31.95 -11.25 33.70
N ARG B 25 32.54 -11.71 34.81
CA ARG B 25 33.23 -10.82 35.73
C ARG B 25 34.60 -10.47 35.17
N ILE B 26 34.94 -9.18 35.22
CA ILE B 26 36.25 -8.70 34.80
C ILE B 26 37.00 -8.27 36.06
N SER B 27 38.08 -8.97 36.39
CA SER B 27 38.83 -8.69 37.62
C SER B 27 40.33 -8.72 37.36
N ASN B 28 41.05 -7.88 38.12
CA ASN B 28 42.50 -7.97 38.27
C ASN B 28 43.21 -7.88 36.92
N CYS B 29 43.09 -6.70 36.32
CA CYS B 29 43.58 -6.52 34.96
C CYS B 29 43.53 -5.04 34.63
N VAL B 30 44.33 -4.64 33.64
CA VAL B 30 44.27 -3.29 33.08
C VAL B 30 43.33 -3.30 31.88
N ALA B 31 42.60 -2.19 31.70
CA ALA B 31 41.61 -2.06 30.64
C ALA B 31 41.86 -0.77 29.88
N ASP B 32 42.17 -0.89 28.60
CA ASP B 32 42.22 0.28 27.73
C ASP B 32 40.82 0.44 27.15
N TYR B 33 39.99 1.25 27.81
CA TYR B 33 38.66 1.45 27.26
C TYR B 33 38.73 2.22 25.97
N SER B 34 39.74 3.07 25.81
CA SER B 34 39.82 3.86 24.61
C SER B 34 40.08 3.04 23.35
N VAL B 35 40.60 1.81 23.44
CA VAL B 35 40.74 1.03 22.21
C VAL B 35 39.36 0.70 21.65
N LEU B 36 38.44 0.25 22.52
CA LEU B 36 37.07 0.01 22.06
C LEU B 36 36.45 1.31 21.59
N TYR B 37 36.41 2.33 22.47
CA TYR B 37 35.63 3.55 22.20
C TYR B 37 35.99 4.17 20.85
N ASN B 38 37.25 4.10 20.43
CA ASN B 38 37.65 4.54 19.09
C ASN B 38 37.61 3.38 18.10
N SER B 39 36.41 2.84 17.91
CA SER B 39 36.21 1.77 16.95
C SER B 39 35.10 2.16 15.97
N ALA B 40 35.42 2.09 14.67
CA ALA B 40 34.39 2.06 13.64
C ALA B 40 33.45 0.86 13.79
N SER B 41 33.76 -0.07 14.70
CA SER B 41 32.94 -1.26 14.86
C SER B 41 31.54 -0.93 15.38
N PHE B 42 31.45 -0.01 16.33
CA PHE B 42 30.27 0.06 17.20
C PHE B 42 29.28 1.11 16.73
N SER B 43 28.00 0.73 16.71
CA SER B 43 26.95 1.69 16.38
C SER B 43 26.36 2.34 17.61
N THR B 44 26.42 1.71 18.76
CA THR B 44 26.06 2.34 20.03
C THR B 44 27.23 2.26 20.99
N PHE B 45 27.51 3.37 21.64
CA PHE B 45 28.49 3.43 22.72
C PHE B 45 28.04 4.59 23.60
N LYS B 46 27.28 4.27 24.64
CA LYS B 46 26.67 5.27 25.52
C LYS B 46 27.05 4.92 26.94
N CYS B 47 27.57 5.90 27.67
CA CYS B 47 27.94 5.67 29.06
C CYS B 47 27.05 6.50 29.96
N TYR B 48 26.88 6.04 31.19
CA TYR B 48 26.02 6.70 32.16
C TYR B 48 26.77 6.75 33.47
N GLY B 49 26.71 7.91 34.13
CA GLY B 49 27.43 8.11 35.36
C GLY B 49 28.93 8.16 35.21
N VAL B 50 29.43 8.17 33.97
CA VAL B 50 30.87 8.12 33.74
C VAL B 50 31.11 8.70 32.36
N SER B 51 32.22 9.42 32.21
CA SER B 51 32.50 10.05 30.93
C SER B 51 33.24 9.08 30.03
N PRO B 52 32.76 8.84 28.80
CA PRO B 52 33.39 7.84 27.93
C PRO B 52 34.85 8.12 27.64
N THR B 53 35.23 9.39 27.55
CA THR B 53 36.57 9.79 27.14
C THR B 53 37.60 9.62 28.25
N LYS B 54 37.23 9.95 29.50
CA LYS B 54 38.13 9.88 30.65
C LYS B 54 38.10 8.51 31.32
N LEU B 55 37.69 7.46 30.59
CA LEU B 55 37.56 6.13 31.18
C LEU B 55 38.92 5.57 31.57
N ASN B 56 39.95 5.85 30.76
CA ASN B 56 41.29 5.36 31.01
C ASN B 56 41.91 5.94 32.28
N ASP B 57 41.26 6.91 32.92
CA ASP B 57 41.80 7.55 34.11
C ASP B 57 41.17 7.03 35.39
N LEU B 58 40.27 6.05 35.31
CA LEU B 58 39.46 5.62 36.44
C LEU B 58 39.84 4.23 36.90
N CYS B 59 39.55 3.97 38.18
CA CYS B 59 39.69 2.64 38.76
C CYS B 59 38.34 2.21 39.29
N PHE B 60 38.13 0.89 39.36
CA PHE B 60 36.90 0.34 39.90
C PHE B 60 37.19 -0.95 40.64
N THR B 61 36.28 -1.29 41.57
CA THR B 61 36.41 -2.52 42.34
C THR B 61 36.23 -3.75 41.45
N ASN B 62 35.14 -3.80 40.70
CA ASN B 62 34.85 -4.89 39.80
C ASN B 62 34.13 -4.34 38.58
N VAL B 63 34.34 -5.01 37.46
CA VAL B 63 33.67 -4.68 36.22
C VAL B 63 32.96 -5.94 35.73
N TYR B 64 31.71 -5.77 35.32
CA TYR B 64 30.94 -6.88 34.78
C TYR B 64 30.59 -6.60 33.33
N ALA B 65 30.54 -7.66 32.53
CA ALA B 65 30.21 -7.59 31.11
C ALA B 65 29.02 -8.49 30.85
N ASP B 66 27.86 -7.89 30.61
CA ASP B 66 26.67 -8.61 30.20
C ASP B 66 26.58 -8.58 28.68
N SER B 67 26.26 -9.73 28.07
CA SER B 67 26.22 -9.80 26.61
C SER B 67 25.07 -10.69 26.16
N PHE B 68 24.50 -10.32 25.01
CA PHE B 68 23.30 -10.94 24.47
C PHE B 68 23.02 -10.34 23.11
N VAL B 69 22.05 -10.92 22.40
CA VAL B 69 21.57 -10.43 21.12
C VAL B 69 20.13 -9.96 21.28
N ILE B 70 19.78 -8.83 20.66
CA ILE B 70 18.40 -8.33 20.52
C ILE B 70 18.20 -7.75 19.12
N ARG B 71 16.97 -7.33 18.84
CA ARG B 71 16.65 -6.61 17.60
C ARG B 71 17.24 -5.20 17.59
N GLY B 72 17.58 -4.75 16.38
CA GLY B 72 18.07 -3.38 16.20
C GLY B 72 17.23 -2.31 16.88
N ASP B 73 15.91 -2.38 16.72
CA ASP B 73 15.07 -1.34 17.29
C ASP B 73 14.80 -1.56 18.78
N GLU B 74 15.40 -2.57 19.41
CA GLU B 74 15.29 -2.77 20.85
C GLU B 74 16.51 -2.29 21.62
N VAL B 75 17.61 -1.93 20.94
CA VAL B 75 18.80 -1.39 21.59
C VAL B 75 18.46 -0.17 22.47
N ARG B 76 17.52 0.67 22.01
CA ARG B 76 17.13 1.83 22.80
C ARG B 76 16.58 1.45 24.17
N GLN B 77 16.16 0.20 24.36
CA GLN B 77 15.66 -0.23 25.66
C GLN B 77 16.77 -0.57 26.65
N ILE B 78 17.98 -0.85 26.18
CA ILE B 78 19.11 -1.10 27.07
C ILE B 78 19.67 0.24 27.57
N ALA B 79 18.92 0.88 28.46
CA ALA B 79 19.26 2.19 28.99
C ALA B 79 18.41 2.42 30.22
N PRO B 80 18.85 3.28 31.13
CA PRO B 80 18.06 3.52 32.35
C PRO B 80 16.70 4.12 32.04
N GLY B 81 15.72 3.73 32.84
CA GLY B 81 14.40 4.33 32.74
C GLY B 81 13.64 4.01 31.46
N GLN B 82 14.01 2.95 30.75
CA GLN B 82 13.28 2.52 29.58
C GLN B 82 12.21 1.51 29.97
N THR B 83 11.19 1.40 29.12
CA THR B 83 10.21 0.32 29.22
C THR B 83 10.09 -0.37 27.86
N GLY B 84 9.40 -1.50 27.86
CA GLY B 84 9.28 -2.34 26.69
C GLY B 84 9.56 -3.78 27.04
N LYS B 85 9.40 -4.66 26.04
CA LYS B 85 9.48 -6.09 26.29
C LYS B 85 10.86 -6.49 26.80
N ILE B 86 11.91 -5.90 26.24
CA ILE B 86 13.25 -6.25 26.69
C ILE B 86 13.52 -5.68 28.08
N ALA B 87 13.28 -4.39 28.26
CA ALA B 87 13.57 -3.74 29.53
C ALA B 87 12.72 -4.31 30.67
N ASP B 88 11.45 -4.64 30.40
CA ASP B 88 10.58 -5.11 31.47
C ASP B 88 10.77 -6.60 31.75
N TYR B 89 10.96 -7.41 30.70
CA TYR B 89 10.89 -8.85 30.86
C TYR B 89 12.21 -9.59 30.64
N ASN B 90 13.27 -8.91 30.19
CA ASN B 90 14.49 -9.62 29.82
C ASN B 90 15.75 -9.08 30.50
N TYR B 91 15.98 -7.77 30.42
CA TYR B 91 17.23 -7.20 30.91
C TYR B 91 16.96 -5.74 31.28
N LYS B 92 17.15 -5.42 32.56
CA LYS B 92 16.72 -4.15 33.11
C LYS B 92 17.92 -3.44 33.73
N LEU B 93 18.19 -2.24 33.28
CA LEU B 93 19.24 -1.40 33.80
C LEU B 93 18.67 -0.43 34.83
N PRO B 94 19.36 -0.28 35.95
CA PRO B 94 18.83 0.55 37.05
C PRO B 94 18.90 2.02 36.72
N ASP B 95 18.12 2.81 37.46
CA ASP B 95 18.14 4.24 37.23
C ASP B 95 19.52 4.83 37.53
N ASP B 96 20.21 4.35 38.58
CA ASP B 96 21.53 4.87 38.90
C ASP B 96 22.66 4.12 38.20
N PHE B 97 22.41 3.58 37.00
CA PHE B 97 23.42 2.80 36.29
C PHE B 97 24.69 3.63 36.07
N THR B 98 25.82 3.05 36.44
CA THR B 98 27.13 3.56 36.06
C THR B 98 27.78 2.50 35.18
N GLY B 99 28.02 2.83 33.93
CA GLY B 99 28.56 1.87 33.00
C GLY B 99 28.27 2.32 31.57
N CYS B 100 28.64 1.44 30.62
CA CYS B 100 28.49 1.73 29.21
C CYS B 100 27.70 0.62 28.50
N VAL B 101 26.77 1.03 27.63
CA VAL B 101 26.10 0.11 26.73
C VAL B 101 26.76 0.20 25.36
N ILE B 102 27.17 -0.95 24.81
CA ILE B 102 27.86 -1.03 23.54
C ILE B 102 27.10 -2.01 22.65
N ALA B 103 26.90 -1.64 21.38
CA ALA B 103 26.11 -2.48 20.50
C ALA B 103 26.64 -2.39 19.08
N TRP B 104 26.52 -3.50 18.35
CA TRP B 104 26.91 -3.50 16.95
C TRP B 104 26.03 -4.46 16.17
N ASN B 105 25.77 -4.09 14.92
CA ASN B 105 24.97 -4.88 14.00
C ASN B 105 25.68 -6.19 13.72
N SER B 106 24.99 -7.33 13.95
CA SER B 106 25.58 -8.63 13.65
C SER B 106 24.80 -9.39 12.58
N ASN B 107 24.11 -8.66 11.70
CA ASN B 107 23.37 -9.32 10.62
C ASN B 107 24.21 -10.36 9.91
N ASN B 108 25.49 -10.06 9.65
CA ASN B 108 26.35 -10.98 8.92
C ASN B 108 26.61 -12.28 9.69
N LEU B 109 26.60 -12.24 11.02
CA LEU B 109 26.88 -13.41 11.85
C LEU B 109 25.63 -14.15 12.31
N ASP B 110 24.54 -13.44 12.60
CA ASP B 110 23.41 -14.01 13.32
C ASP B 110 22.15 -14.15 12.46
N SER B 111 22.17 -13.72 11.21
CA SER B 111 21.08 -13.99 10.29
C SER B 111 21.42 -15.22 9.46
N LYS B 112 20.40 -15.76 8.80
CA LYS B 112 20.61 -16.93 7.96
C LYS B 112 19.46 -16.98 6.97
N VAL B 113 19.74 -17.41 5.73
CA VAL B 113 18.66 -17.55 4.77
C VAL B 113 17.68 -18.60 5.27
N GLY B 114 16.39 -18.29 5.15
CA GLY B 114 15.38 -19.06 5.83
C GLY B 114 15.19 -18.67 7.28
N GLY B 115 16.11 -17.92 7.86
CA GLY B 115 15.89 -17.43 9.21
C GLY B 115 16.66 -18.19 10.26
N ASN B 116 17.34 -17.49 11.15
CA ASN B 116 17.90 -18.07 12.36
C ASN B 116 16.89 -17.88 13.47
N TYR B 117 16.49 -18.97 14.14
CA TYR B 117 15.49 -18.90 15.20
C TYR B 117 16.05 -19.31 16.56
N ASN B 118 17.38 -19.36 16.69
CA ASN B 118 18.01 -19.88 17.91
C ASN B 118 18.11 -18.87 19.04
N TYR B 119 17.77 -17.61 18.81
CA TYR B 119 17.76 -16.56 19.84
C TYR B 119 16.34 -16.35 20.33
N LEU B 120 16.18 -16.30 21.65
CA LEU B 120 14.86 -16.17 22.27
C LEU B 120 14.79 -14.91 23.13
N TYR B 121 13.55 -14.57 23.50
CA TYR B 121 13.29 -13.47 24.40
C TYR B 121 12.00 -13.80 25.12
N ARG B 122 11.89 -13.31 26.36
CA ARG B 122 10.65 -13.42 27.11
C ARG B 122 9.63 -12.42 26.58
N LEU B 123 8.44 -12.92 26.24
CA LEU B 123 7.37 -12.08 25.69
C LEU B 123 6.31 -11.72 26.72
N PHE B 124 6.10 -12.60 27.70
CA PHE B 124 5.08 -12.44 28.73
C PHE B 124 5.69 -12.64 30.10
N ARG B 125 5.19 -11.91 31.10
CA ARG B 125 5.65 -12.08 32.47
C ARG B 125 4.66 -11.39 33.41
N LYS B 126 4.49 -11.97 34.61
CA LYS B 126 3.51 -11.44 35.57
C LYS B 126 3.89 -10.04 36.08
N SER B 127 5.16 -9.67 36.01
CA SER B 127 5.63 -8.42 36.56
C SER B 127 6.97 -8.10 35.92
N ASN B 128 7.48 -6.89 36.17
CA ASN B 128 8.72 -6.45 35.57
C ASN B 128 9.92 -6.95 36.34
N LEU B 129 11.04 -7.06 35.64
CA LEU B 129 12.29 -7.43 36.28
C LEU B 129 12.82 -6.28 37.14
N LYS B 130 13.41 -6.62 38.27
CA LYS B 130 14.21 -5.63 38.96
C LYS B 130 15.55 -5.49 38.25
N PRO B 131 16.27 -4.37 38.43
CA PRO B 131 17.51 -4.18 37.68
C PRO B 131 18.49 -5.31 37.89
N PHE B 132 19.11 -5.76 36.80
CA PHE B 132 20.12 -6.82 36.74
C PHE B 132 19.59 -8.18 37.17
N GLU B 133 18.28 -8.35 37.24
CA GLU B 133 17.68 -9.65 37.44
C GLU B 133 17.64 -10.46 36.14
N ARG B 134 17.75 -11.78 36.27
CA ARG B 134 17.68 -12.69 35.13
C ARG B 134 16.64 -13.76 35.42
N ASP B 135 15.75 -14.00 34.48
CA ASP B 135 14.66 -14.97 34.65
C ASP B 135 14.77 -15.98 33.51
N ILE B 136 15.14 -17.21 33.84
CA ILE B 136 15.22 -18.27 32.85
C ILE B 136 14.13 -19.31 33.05
N SER B 137 13.13 -19.01 33.88
CA SER B 137 12.06 -19.96 34.13
C SER B 137 11.18 -20.11 32.89
N THR B 138 10.39 -21.18 32.87
CA THR B 138 9.60 -21.57 31.70
C THR B 138 8.21 -22.02 32.11
N GLU B 139 7.65 -21.37 33.12
CA GLU B 139 6.29 -21.68 33.51
C GLU B 139 5.33 -21.11 32.49
N ILE B 140 4.18 -21.78 32.33
CA ILE B 140 3.16 -21.29 31.41
C ILE B 140 2.57 -20.00 31.97
N TYR B 141 2.45 -19.00 31.11
CA TYR B 141 1.92 -17.70 31.49
C TYR B 141 0.41 -17.73 31.33
N GLN B 142 -0.30 -17.36 32.39
CA GLN B 142 -1.76 -17.42 32.42
C GLN B 142 -2.30 -16.01 32.30
N ALA B 143 -2.99 -15.73 31.20
CA ALA B 143 -3.51 -14.39 30.96
C ALA B 143 -4.97 -14.26 31.35
N GLY B 144 -5.70 -15.35 31.40
CA GLY B 144 -7.11 -15.34 31.75
C GLY B 144 -7.32 -15.67 33.22
N SER B 145 -8.53 -16.11 33.52
CA SER B 145 -8.88 -16.53 34.87
C SER B 145 -8.91 -18.05 35.00
N THR B 146 -9.09 -18.77 33.89
CA THR B 146 -8.98 -20.21 33.89
C THR B 146 -7.51 -20.62 34.01
N PRO B 147 -7.24 -21.80 34.56
CA PRO B 147 -5.86 -22.23 34.77
C PRO B 147 -5.26 -22.95 33.57
N CYS B 148 -3.94 -23.13 33.63
CA CYS B 148 -3.18 -23.79 32.58
C CYS B 148 -2.68 -25.11 33.15
N ASN B 149 -3.40 -26.20 32.85
CA ASN B 149 -3.04 -27.50 33.40
C ASN B 149 -2.66 -28.49 32.31
N GLY B 150 -3.64 -29.20 31.75
CA GLY B 150 -3.37 -30.28 30.83
C GLY B 150 -4.57 -30.61 29.95
N VAL B 151 -5.69 -29.96 30.23
CA VAL B 151 -6.84 -29.97 29.34
C VAL B 151 -7.22 -28.55 28.93
N GLU B 152 -7.16 -27.61 29.87
CA GLU B 152 -7.46 -26.20 29.63
C GLU B 152 -6.18 -25.49 29.22
N ARG B 153 -6.18 -24.92 28.00
CA ARG B 153 -5.02 -24.20 27.50
C ARG B 153 -5.42 -22.84 26.94
N PHE B 154 -6.68 -22.44 27.08
CA PHE B 154 -7.14 -21.16 26.56
C PHE B 154 -6.57 -20.02 27.38
N ASN B 155 -6.17 -18.96 26.68
CA ASN B 155 -5.55 -17.78 27.29
C ASN B 155 -4.31 -18.14 28.10
N CYS B 156 -3.62 -19.20 27.70
CA CYS B 156 -2.34 -19.60 28.28
C CYS B 156 -1.26 -19.59 27.20
N TYR B 157 -0.03 -19.27 27.61
CA TYR B 157 1.02 -19.00 26.64
C TYR B 157 2.35 -19.50 27.17
N PHE B 158 3.16 -20.08 26.28
CA PHE B 158 4.55 -20.30 26.61
C PHE B 158 5.27 -18.95 26.67
N PRO B 159 6.09 -18.72 27.66
CA PRO B 159 6.58 -17.34 27.90
C PRO B 159 7.70 -16.89 26.97
N LEU B 160 8.49 -17.80 26.43
CA LEU B 160 9.57 -17.41 25.52
C LEU B 160 9.15 -17.61 24.07
N GLN B 161 9.60 -16.68 23.21
CA GLN B 161 9.46 -16.74 21.77
C GLN B 161 10.81 -16.59 21.11
N SER B 162 10.91 -17.10 19.89
CA SER B 162 12.16 -16.99 19.15
C SER B 162 12.16 -15.70 18.33
N TYR B 163 13.30 -15.02 18.32
CA TYR B 163 13.53 -14.06 17.26
C TYR B 163 13.61 -14.81 15.94
N GLY B 164 13.29 -14.12 14.85
CA GLY B 164 13.52 -14.67 13.51
C GLY B 164 14.36 -13.71 12.70
N PHE B 165 15.62 -14.08 12.44
CA PHE B 165 16.57 -13.20 11.77
C PHE B 165 16.91 -13.77 10.40
N GLN B 166 16.36 -13.15 9.36
CA GLN B 166 16.65 -13.30 7.93
C GLN B 166 17.54 -12.15 7.46
N PRO B 167 18.57 -12.40 6.64
CA PRO B 167 19.47 -11.30 6.24
C PRO B 167 18.78 -10.16 5.51
N THR B 168 17.64 -10.36 4.86
CA THR B 168 16.97 -9.28 4.14
C THR B 168 16.15 -8.34 5.03
N ASN B 169 16.03 -8.62 6.34
CA ASN B 169 15.23 -7.76 7.21
C ASN B 169 15.79 -6.33 7.21
N GLY B 170 14.90 -5.37 7.50
CA GLY B 170 15.35 -4.01 7.76
C GLY B 170 16.16 -3.90 9.05
N VAL B 171 16.89 -2.79 9.13
CA VAL B 171 17.87 -2.56 10.19
C VAL B 171 17.24 -2.75 11.58
N GLY B 172 16.03 -2.23 11.79
CA GLY B 172 15.35 -2.33 13.09
C GLY B 172 15.01 -3.75 13.49
N TYR B 173 14.92 -4.67 12.53
CA TYR B 173 14.64 -6.09 12.76
C TYR B 173 15.88 -6.98 12.74
N GLN B 174 17.03 -6.44 12.34
CA GLN B 174 18.23 -7.24 12.24
C GLN B 174 18.79 -7.55 13.63
N PRO B 175 19.62 -8.58 13.76
CA PRO B 175 20.18 -8.89 15.07
C PRO B 175 21.34 -7.95 15.39
N TYR B 176 21.35 -7.46 16.64
CA TYR B 176 22.44 -6.66 17.19
C TYR B 176 23.05 -7.34 18.43
N ARG B 177 24.38 -7.35 18.50
CA ARG B 177 25.05 -7.84 19.69
C ARG B 177 25.31 -6.70 20.65
N VAL B 178 25.12 -6.97 21.94
CA VAL B 178 25.14 -5.94 22.98
C VAL B 178 26.08 -6.38 24.09
N VAL B 179 26.94 -5.46 24.54
CA VAL B 179 27.75 -5.65 25.74
C VAL B 179 27.47 -4.50 26.70
N VAL B 180 26.99 -4.83 27.90
CA VAL B 180 26.79 -3.84 28.96
C VAL B 180 27.92 -3.98 29.98
N LEU B 181 28.76 -2.94 30.09
CA LEU B 181 29.84 -2.89 31.07
C LEU B 181 29.35 -2.19 32.34
N SER B 182 29.35 -2.93 33.45
CA SER B 182 29.05 -2.39 34.77
C SER B 182 30.35 -2.03 35.48
N PHE B 183 30.52 -0.75 35.84
CA PHE B 183 31.69 -0.29 36.61
C PHE B 183 31.27 -0.15 38.07
N GLU B 184 31.62 -1.15 38.88
CA GLU B 184 31.19 -1.21 40.28
C GLU B 184 32.25 -0.63 41.21
N LEU B 185 31.81 0.18 42.17
CA LEU B 185 32.68 0.98 43.05
C LEU B 185 32.35 0.65 44.51
N LEU B 186 32.99 -0.38 45.04
CA LEU B 186 32.79 -0.73 46.44
C LEU B 186 33.76 0.03 47.34
N HIS B 187 33.52 -0.08 48.64
CA HIS B 187 34.48 0.29 49.67
C HIS B 187 35.40 -0.91 49.80
N ALA B 188 36.43 -0.96 48.93
CA ALA B 188 37.27 -2.13 48.77
C ALA B 188 38.40 -1.81 47.80
N PRO B 189 39.47 -2.63 47.73
CA PRO B 189 40.56 -2.32 46.80
C PRO B 189 40.13 -2.50 45.34
N ALA B 190 40.49 -1.52 44.51
CA ALA B 190 40.25 -1.63 43.08
C ALA B 190 41.00 -2.82 42.52
N THR B 191 40.39 -3.45 41.49
CA THR B 191 41.07 -4.49 40.72
C THR B 191 41.08 -4.21 39.22
N VAL B 192 40.42 -3.16 38.75
CA VAL B 192 40.37 -2.88 37.32
C VAL B 192 40.64 -1.41 37.11
N CYS B 193 41.74 -1.08 36.43
CA CYS B 193 42.17 0.29 36.28
C CYS B 193 42.53 0.57 34.83
N GLY B 194 42.32 1.82 34.42
CA GLY B 194 42.77 2.28 33.14
C GLY B 194 44.28 2.23 33.04
N PRO B 195 44.81 2.42 31.83
CA PRO B 195 46.28 2.43 31.69
C PRO B 195 46.92 3.56 32.47
N LYS B 196 46.25 4.71 32.57
CA LYS B 196 46.80 5.86 33.27
C LYS B 196 47.01 5.57 34.76
N LYS B 197 46.17 4.73 35.35
CA LYS B 197 46.28 4.47 36.79
C LYS B 197 46.75 3.05 37.08
N SER B 198 47.82 2.62 36.38
CA SER B 198 48.27 1.23 36.36
C SER B 198 49.02 0.79 37.61
N GLU B 199 49.52 1.72 38.42
CA GLU B 199 50.19 1.35 39.67
C GLU B 199 49.22 1.19 40.81
N ASN B 200 48.06 0.60 40.54
CA ASN B 200 46.91 0.43 41.46
C ASN B 200 46.78 1.52 42.54
C1 NAG C . -18.07 -15.85 12.36
C2 NAG C . -18.82 -14.94 13.35
C3 NAG C . -18.88 -15.60 14.73
C4 NAG C . -19.49 -17.01 14.64
C5 NAG C . -18.71 -17.84 13.62
C6 NAG C . -19.30 -19.21 13.37
C7 NAG C . -18.77 -12.50 13.12
C8 NAG C . -17.95 -11.26 13.26
N2 NAG C . -18.17 -13.65 13.44
O3 NAG C . -19.64 -14.78 15.61
O4 NAG C . -19.36 -17.68 15.89
O5 NAG C . -18.69 -17.16 12.35
O6 NAG C . -18.79 -19.78 12.17
O7 NAG C . -19.95 -12.45 12.74
C1 NAG C . -20.43 -17.50 16.84
C2 NAG C . -20.72 -18.85 17.55
C3 NAG C . -21.65 -18.68 18.77
C4 NAG C . -21.31 -17.46 19.62
C5 NAG C . -21.14 -16.24 18.72
C6 NAG C . -20.78 -14.97 19.46
C7 NAG C . -20.70 -20.93 16.21
C8 NAG C . -21.46 -21.76 15.22
N2 NAG C . -21.29 -19.80 16.60
O3 NAG C . -21.56 -19.84 19.60
O4 NAG C . -22.36 -17.20 20.56
O5 NAG C . -20.09 -16.51 17.80
O6 NAG C . -21.00 -13.83 18.66
O7 NAG C . -19.60 -21.27 16.63
C1 FUC C . -17.82 -20.83 12.48
C2 FUC C . -17.51 -21.62 11.15
C3 FUC C . -16.42 -20.88 10.27
C4 FUC C . -15.21 -20.33 11.12
C5 FUC C . -15.73 -19.51 12.29
C6 FUC C . -14.61 -18.99 13.21
O2 FUC C . -18.72 -21.94 10.41
O3 FUC C . -15.89 -21.75 9.28
O4 FUC C . -14.40 -21.39 11.62
O5 FUC C . -16.62 -20.32 13.12
C1 NAG D . 16.51 -18.57 -10.40
C2 NAG D . 17.79 -18.36 -9.58
C3 NAG D . 18.88 -19.36 -9.99
C4 NAG D . 18.34 -20.78 -9.93
C5 NAG D . 17.03 -20.91 -10.71
C6 NAG D . 16.38 -22.26 -10.55
C7 NAG D . 18.45 -16.16 -8.64
C8 NAG D . 18.97 -14.79 -8.95
N2 NAG D . 18.29 -16.99 -9.69
O3 NAG D . 19.99 -19.24 -9.11
O4 NAG D . 19.29 -21.69 -10.47
O5 NAG D . 16.08 -19.93 -10.26
O6 NAG D . 16.43 -23.02 -11.75
O7 NAG D . 18.17 -16.51 -7.49
C1 NAG E . -4.76 1.07 23.72
C2 NAG E . -4.43 2.34 24.52
C3 NAG E . -3.01 2.82 24.24
C4 NAG E . -2.00 1.67 24.39
C5 NAG E . -2.45 0.47 23.57
C6 NAG E . -1.59 -0.74 23.80
C7 NAG E . -6.59 3.52 24.81
C8 NAG E . -7.44 4.66 24.34
N2 NAG E . -5.40 3.39 24.20
O3 NAG E . -2.69 3.85 25.16
O4 NAG E . -0.70 2.08 23.99
O5 NAG E . -3.78 0.08 23.97
O6 NAG E . -2.17 -1.59 24.77
O7 NAG E . -6.95 2.77 25.71
C1 NAG F . 15.62 22.48 -4.28
C2 NAG F . 15.61 22.77 -5.80
C3 NAG F . 17.00 22.60 -6.41
C4 NAG F . 18.02 23.46 -5.68
C5 NAG F . 18.06 23.03 -4.22
C6 NAG F . 19.06 23.80 -3.38
C7 NAG F . 13.36 22.24 -6.68
C8 NAG F . 12.53 21.21 -7.39
N2 NAG F . 14.65 21.91 -6.48
O3 NAG F . 17.00 22.93 -7.80
O4 NAG F . 19.31 23.38 -6.27
O5 NAG F . 16.76 23.21 -3.63
O6 NAG F . 18.48 24.90 -2.69
O7 NAG F . 12.90 23.32 -6.30
C1 EDO G . 2.33 -5.68 6.25
O1 EDO G . 1.71 -5.36 4.99
C2 EDO G . 3.82 -5.47 6.06
O2 EDO G . 4.43 -5.20 7.32
C1 EDO H . -27.74 15.62 -18.68
O1 EDO H . -26.35 15.81 -18.94
C2 EDO H . -28.54 15.69 -19.98
O2 EDO H . -28.15 16.84 -20.74
C1 EDO I . -31.91 -1.83 -24.18
O1 EDO I . -30.89 -2.24 -23.25
C2 EDO I . -31.43 -2.13 -25.60
O2 EDO I . -30.07 -1.71 -25.72
ZN ZN J . 0.03 2.68 -7.43
C1 NAG K . 38.28 -8.35 17.62
C2 NAG K . 39.12 -7.40 18.50
C3 NAG K . 39.73 -6.28 17.66
C4 NAG K . 40.57 -6.87 16.54
C5 NAG K . 39.68 -7.72 15.65
C6 NAG K . 40.42 -8.34 14.48
C7 NAG K . 38.76 -6.83 20.87
C8 NAG K . 37.80 -6.24 21.87
N2 NAG K . 38.33 -6.85 19.60
O3 NAG K . 40.52 -5.44 18.49
O4 NAG K . 41.24 -5.88 15.76
O5 NAG K . 39.08 -8.77 16.43
O6 NAG K . 40.47 -9.76 14.52
O7 NAG K . 39.85 -7.25 21.21
#